data_7KQG
#
_entry.id   7KQG
#
_cell.length_a   40.130
_cell.length_b   77.440
_cell.length_c   225.650
_cell.angle_alpha   90.000
_cell.angle_beta   90.000
_cell.angle_gamma   90.000
#
_symmetry.space_group_name_H-M   'P 21 21 21'
#
loop_
_entity.id
_entity.type
_entity.pdbx_description
1 polymer Hemagglutinin
2 polymer '1272 Fab heavy chain'
3 polymer '1272 Fab light chain'
4 branched alpha-D-mannopyranose-(1-3)-beta-D-mannopyranose-(1-4)-2-acetamido-2-deoxy-beta-D-glucopyranose-(1-4)-2-acetamido-2-deoxy-beta-D-glucopyranose
5 water water
#
loop_
_entity_poly.entity_id
_entity_poly.type
_entity_poly.pdbx_seq_one_letter_code
_entity_poly.pdbx_strand_id
1 'polypeptide(L)'
;PLTTTPTKSYFANLKGTRTRGKLCPDCLNCTDLDVALGRPMCVGTTPSAKASILHEVKPVTSGCFPIMHDRTKIRQLPNL
LRGYENIRLSTQNVIDAEKAPGGPYRLGTSGSCPNATSKSGFFATMAWAVPKDNNKNATNPLTVEVPYICTEGEDQITVW
GFHSDDKTQMKNLYGDSNPQKFTSSANGVTTHYVSQIGSFPDQTEDGGLPQSGRIVVDYMMQKPGKTGTIVYQRGVLLPQ
KVWCASGRSKVIKGSLPLIGEADCLHEKYGGLNKSKPYYTGEHAKAIGNCPIWVKTPLK
;
A
2 'polypeptide(L)'
;ASEVQLVESGGGLVQPGRSLRLSCAASGFTFDDYPMHWVRQAPGKGLEWVSTISWNGAGLAYADSVKGRFTVSRDNAKRV
LYLQMSSLRPEDTALYYCAKDRVDTTSWDYYFHKSMDVWGQGTSVTVSGASTKGPSVFPLAPSSKSTSGGTAALGCLVKD
YFPEPVTVSWNSGALTSGVHTFPAVLQSSGLYSLSSVVTVPSSSLGTQTYICNVNHKPSNTKVDKRVEPKSCDKHHHHHH
;
B
3 'polypeptide(L)'
;ASDIQMTQSPSSLSASVGDRVTITCQASQGIGNYLSWYQQKPGKAPKLLIYDASNLETGVPSRFSGSGSGTHFTFIIIRL
QPEDIATYYCQQYDNLPLTFGGGTKVEITRTVAAPSVFIFPPSDEQLKSGTASVVCLLNNFYPREAKVQWKVDNALQSGN
SQESVTEQDSKDSTYSLSSTLTLSKADYEKHKVYACEVTHQGLSSPVTKSFNRGEC
;
C
#
loop_
_chem_comp.id
_chem_comp.type
_chem_comp.name
_chem_comp.formula
BMA D-saccharide, beta linking beta-D-mannopyranose 'C6 H12 O6'
MAN D-saccharide, alpha linking alpha-D-mannopyranose 'C6 H12 O6'
NAG D-saccharide, beta linking 2-acetamido-2-deoxy-beta-D-glucopyranose 'C8 H15 N O6'
#
# COMPACT_ATOMS: atom_id res chain seq x y z
N THR A 19 -37.20 -35.09 -12.86
CA THR A 19 -36.87 -34.50 -14.16
C THR A 19 -36.00 -33.27 -13.89
N ARG A 20 -34.94 -33.09 -14.65
CA ARG A 20 -34.07 -31.93 -14.51
C ARG A 20 -34.42 -30.90 -15.57
N GLY A 21 -34.56 -29.64 -15.15
CA GLY A 21 -34.51 -28.55 -16.12
C GLY A 21 -33.15 -27.90 -16.18
N LYS A 22 -32.70 -27.37 -15.05
CA LYS A 22 -31.39 -26.77 -14.92
C LYS A 22 -30.41 -27.84 -14.48
N LEU A 23 -29.16 -27.73 -14.97
CA LEU A 23 -28.14 -28.69 -14.56
C LEU A 23 -27.95 -28.66 -13.05
N CYS A 24 -27.77 -27.47 -12.49
CA CYS A 24 -27.57 -27.31 -11.05
C CYS A 24 -28.71 -26.51 -10.45
N PRO A 25 -29.73 -27.16 -9.90
CA PRO A 25 -30.61 -26.47 -8.95
C PRO A 25 -29.81 -26.08 -7.73
N ASP A 26 -30.21 -24.98 -7.09
CA ASP A 26 -29.52 -24.28 -6.00
C ASP A 26 -28.36 -23.46 -6.55
N CYS A 27 -28.15 -23.45 -7.87
CA CYS A 27 -27.22 -22.52 -8.50
C CYS A 27 -28.00 -21.34 -9.09
N LEU A 28 -28.57 -20.52 -8.22
CA LEU A 28 -29.26 -19.33 -8.71
C LEU A 28 -28.32 -18.34 -9.37
N ASN A 29 -28.91 -17.56 -10.29
CA ASN A 29 -28.20 -16.59 -11.12
C ASN A 29 -27.14 -17.28 -11.97
N CYS A 30 -27.36 -18.56 -12.29
CA CYS A 30 -26.43 -19.34 -13.09
C CYS A 30 -27.19 -20.03 -14.21
N THR A 31 -26.71 -19.86 -15.44
CA THR A 31 -27.25 -20.60 -16.57
C THR A 31 -26.61 -21.99 -16.64
N ASP A 32 -27.17 -22.83 -17.51
CA ASP A 32 -26.62 -24.17 -17.67
C ASP A 32 -25.20 -24.12 -18.19
N LEU A 33 -24.89 -23.17 -19.07
CA LEU A 33 -23.53 -23.03 -19.56
C LEU A 33 -22.59 -22.47 -18.49
N ASP A 34 -23.11 -21.65 -17.58
CA ASP A 34 -22.30 -21.20 -16.45
C ASP A 34 -21.87 -22.39 -15.59
N VAL A 35 -22.80 -23.30 -15.30
CA VAL A 35 -22.48 -24.46 -14.50
C VAL A 35 -21.54 -25.40 -15.24
N ALA A 36 -21.72 -25.52 -16.56
CA ALA A 36 -20.88 -26.41 -17.35
C ALA A 36 -19.43 -25.94 -17.38
N LEU A 37 -19.21 -24.63 -17.35
CA LEU A 37 -17.85 -24.08 -17.32
C LEU A 37 -17.32 -23.92 -15.91
N GLY A 38 -18.12 -24.19 -14.89
CA GLY A 38 -17.68 -23.99 -13.52
C GLY A 38 -17.44 -22.54 -13.17
N ARG A 39 -18.32 -21.64 -13.62
CA ARG A 39 -18.22 -20.25 -13.23
C ARG A 39 -18.28 -20.13 -11.70
N PRO A 40 -17.51 -19.23 -11.10
CA PRO A 40 -17.66 -18.99 -9.65
C PRO A 40 -19.10 -18.61 -9.33
N MET A 41 -19.57 -19.10 -8.18
CA MET A 41 -20.95 -19.04 -7.69
C MET A 41 -21.83 -20.05 -8.41
N CYS A 42 -21.32 -20.75 -9.42
CA CYS A 42 -22.11 -21.68 -10.22
C CYS A 42 -21.57 -23.10 -10.13
N VAL A 43 -21.16 -23.50 -8.93
CA VAL A 43 -20.66 -24.85 -8.68
C VAL A 43 -21.50 -25.45 -7.55
N GLY A 44 -22.16 -26.57 -7.84
CA GLY A 44 -23.03 -27.18 -6.87
C GLY A 44 -23.51 -28.53 -7.37
N THR A 45 -24.38 -29.14 -6.56
CA THR A 45 -24.89 -30.47 -6.86
C THR A 45 -25.67 -30.46 -8.17
N THR A 46 -25.33 -31.40 -9.05
CA THR A 46 -26.03 -31.62 -10.31
C THR A 46 -26.65 -33.02 -10.23
N PRO A 47 -27.90 -33.13 -9.80
CA PRO A 47 -28.48 -34.44 -9.52
C PRO A 47 -28.67 -35.27 -10.77
N SER A 48 -28.82 -36.57 -10.54
CA SER A 48 -29.11 -37.49 -11.63
C SER A 48 -30.56 -37.35 -12.07
N ALA A 49 -30.81 -37.66 -13.34
CA ALA A 49 -32.16 -37.53 -13.91
C ALA A 49 -32.27 -38.42 -15.14
N LYS A 50 -33.34 -39.22 -15.19
CA LYS A 50 -33.62 -40.03 -16.36
C LYS A 50 -34.44 -39.29 -17.40
N ALA A 51 -35.07 -38.18 -17.03
CA ALA A 51 -35.81 -37.35 -17.97
C ALA A 51 -35.30 -35.91 -17.85
N SER A 52 -35.19 -35.25 -19.01
CA SER A 52 -34.64 -33.92 -19.07
C SER A 52 -35.35 -33.16 -20.17
N ILE A 53 -35.52 -31.84 -19.98
CA ILE A 53 -36.05 -30.97 -21.02
C ILE A 53 -34.90 -30.14 -21.54
N LEU A 54 -34.83 -30.00 -22.87
CA LEU A 54 -33.85 -29.12 -23.50
C LEU A 54 -34.52 -27.76 -23.67
N HIS A 55 -34.27 -26.86 -22.72
CA HIS A 55 -34.91 -25.55 -22.71
C HIS A 55 -34.06 -24.45 -23.33
N GLU A 56 -32.89 -24.78 -23.88
CA GLU A 56 -32.02 -23.79 -24.51
C GLU A 56 -31.47 -24.39 -25.80
N VAL A 57 -31.91 -23.86 -26.94
CA VAL A 57 -31.35 -24.28 -28.22
C VAL A 57 -29.94 -23.74 -28.38
N LYS A 58 -29.71 -22.49 -27.98
CA LYS A 58 -28.41 -21.83 -28.07
C LYS A 58 -28.01 -21.43 -26.66
N PRO A 59 -27.42 -22.34 -25.89
CA PRO A 59 -27.11 -22.05 -24.48
C PRO A 59 -26.18 -20.85 -24.32
N VAL A 60 -26.37 -20.15 -23.21
CA VAL A 60 -25.83 -18.81 -23.01
C VAL A 60 -25.20 -18.72 -21.64
N THR A 61 -24.12 -17.92 -21.56
CA THR A 61 -23.45 -17.64 -20.27
C THR A 61 -24.01 -16.34 -19.70
N SER A 62 -23.86 -16.14 -18.41
CA SER A 62 -24.41 -14.90 -17.82
C SER A 62 -23.28 -14.20 -17.10
N GLY A 63 -22.10 -14.73 -17.34
CA GLY A 63 -20.97 -14.00 -16.83
C GLY A 63 -19.64 -14.63 -16.94
N CYS A 64 -18.65 -13.87 -16.67
CA CYS A 64 -17.30 -14.17 -16.32
C CYS A 64 -16.43 -13.36 -17.24
N PHE A 65 -15.18 -13.81 -17.41
CA PHE A 65 -14.45 -13.37 -18.60
C PHE A 65 -15.26 -13.63 -19.87
N PRO A 66 -15.22 -12.71 -20.84
CA PRO A 66 -16.01 -12.87 -22.07
C PRO A 66 -15.46 -13.96 -22.97
N ILE A 67 -16.37 -14.79 -23.50
CA ILE A 67 -16.03 -15.91 -24.36
C ILE A 67 -16.51 -15.61 -25.78
N MET A 68 -15.67 -15.94 -26.76
CA MET A 68 -16.09 -15.98 -28.17
C MET A 68 -16.70 -17.35 -28.41
N HIS A 69 -17.95 -17.51 -27.94
CA HIS A 69 -18.56 -18.83 -27.82
C HIS A 69 -18.58 -19.58 -29.14
N ASP A 70 -19.06 -18.92 -30.20
CA ASP A 70 -19.32 -19.61 -31.46
C ASP A 70 -18.05 -19.92 -32.24
N ARG A 71 -16.87 -19.65 -31.69
CA ARG A 71 -15.64 -20.16 -32.28
C ARG A 71 -15.50 -21.66 -32.10
N THR A 72 -16.27 -22.25 -31.18
CA THR A 72 -16.20 -23.68 -30.88
C THR A 72 -17.61 -24.23 -30.69
N LYS A 73 -17.67 -25.53 -30.38
CA LYS A 73 -18.91 -26.24 -30.08
C LYS A 73 -19.33 -26.12 -28.62
N ILE A 74 -18.79 -25.12 -27.90
CA ILE A 74 -18.89 -25.09 -26.44
C ILE A 74 -20.33 -25.00 -25.96
N ARG A 75 -21.22 -24.42 -26.78
CA ARG A 75 -22.60 -24.24 -26.34
C ARG A 75 -23.34 -25.57 -26.18
N GLN A 76 -22.95 -26.60 -26.93
CA GLN A 76 -23.55 -27.92 -26.74
C GLN A 76 -23.17 -28.60 -25.42
N LEU A 77 -22.16 -28.11 -24.70
CA LEU A 77 -21.72 -28.82 -23.50
C LEU A 77 -22.83 -29.05 -22.49
N PRO A 78 -23.66 -28.06 -22.11
CA PRO A 78 -24.77 -28.37 -21.18
C PRO A 78 -25.76 -29.38 -21.73
N ASN A 79 -26.06 -29.32 -23.04
CA ASN A 79 -27.01 -30.27 -23.60
C ASN A 79 -26.39 -31.65 -23.76
N LEU A 80 -25.06 -31.73 -23.90
CA LEU A 80 -24.40 -33.03 -23.84
C LEU A 80 -24.47 -33.61 -22.44
N LEU A 81 -24.18 -32.80 -21.43
CA LEU A 81 -24.34 -33.24 -20.05
C LEU A 81 -25.79 -33.59 -19.74
N ARG A 82 -26.71 -32.82 -20.33
CA ARG A 82 -28.13 -33.06 -20.14
C ARG A 82 -28.52 -34.48 -20.53
N GLY A 83 -27.89 -35.02 -21.57
CA GLY A 83 -28.23 -36.34 -22.07
C GLY A 83 -27.73 -37.49 -21.23
N TYR A 84 -26.91 -37.22 -20.22
CA TYR A 84 -26.43 -38.24 -19.31
C TYR A 84 -27.38 -38.37 -18.12
N GLU A 85 -27.47 -39.59 -17.59
CA GLU A 85 -28.24 -39.78 -16.36
C GLU A 85 -27.52 -39.16 -15.17
N ASN A 86 -26.24 -39.44 -15.02
CA ASN A 86 -25.44 -38.91 -13.92
C ASN A 86 -24.39 -37.96 -14.47
N ILE A 87 -24.27 -36.78 -13.85
CA ILE A 87 -23.21 -35.82 -14.16
C ILE A 87 -22.69 -35.25 -12.86
N ARG A 88 -21.37 -35.10 -12.78
CA ARG A 88 -20.77 -34.49 -11.60
C ARG A 88 -19.42 -33.87 -11.99
N LEU A 89 -19.09 -32.77 -11.33
CA LEU A 89 -17.80 -32.12 -11.52
C LEU A 89 -16.75 -32.81 -10.65
N SER A 90 -15.59 -33.10 -11.24
CA SER A 90 -14.57 -33.88 -10.56
C SER A 90 -14.09 -33.15 -9.32
N THR A 91 -13.51 -33.91 -8.39
CA THR A 91 -13.11 -33.37 -7.12
C THR A 91 -11.68 -32.81 -7.19
N GLN A 92 -10.83 -33.48 -7.96
CA GLN A 92 -9.42 -33.16 -8.11
C GLN A 92 -9.16 -32.54 -9.48
N ASN A 93 -8.04 -31.83 -9.58
CA ASN A 93 -7.63 -31.23 -10.83
C ASN A 93 -6.99 -32.29 -11.74
N VAL A 94 -7.37 -32.25 -13.03
CA VAL A 94 -6.91 -33.30 -13.94
C VAL A 94 -5.41 -33.17 -14.22
N ILE A 95 -4.86 -31.96 -14.17
CA ILE A 95 -3.41 -31.75 -14.24
C ILE A 95 -3.01 -30.72 -13.19
N ASP A 96 -1.71 -30.61 -12.96
CA ASP A 96 -1.14 -29.55 -12.14
C ASP A 96 -0.78 -28.39 -13.06
N ALA A 97 -1.65 -27.38 -13.09
CA ALA A 97 -1.49 -26.29 -14.06
C ALA A 97 -0.22 -25.48 -13.83
N GLU A 98 0.10 -25.20 -12.57
CA GLU A 98 1.28 -24.37 -12.28
C GLU A 98 2.57 -25.03 -12.76
N LYS A 99 2.63 -26.36 -12.73
CA LYS A 99 3.81 -27.10 -13.11
C LYS A 99 3.73 -27.66 -14.53
N ALA A 100 2.73 -27.27 -15.31
CA ALA A 100 2.59 -27.74 -16.66
C ALA A 100 3.74 -27.24 -17.53
N PRO A 101 4.04 -27.92 -18.64
CA PRO A 101 5.16 -27.48 -19.48
C PRO A 101 4.99 -26.05 -19.96
N GLY A 102 6.12 -25.34 -20.05
CA GLY A 102 6.11 -23.95 -20.50
C GLY A 102 6.58 -22.95 -19.47
N GLY A 103 7.52 -23.37 -18.62
CA GLY A 103 7.97 -22.53 -17.54
C GLY A 103 6.94 -22.52 -16.43
N PRO A 104 7.31 -22.02 -15.24
CA PRO A 104 6.35 -21.96 -14.15
C PRO A 104 5.22 -20.99 -14.47
N TYR A 105 4.01 -21.33 -14.01
CA TYR A 105 2.82 -20.56 -14.30
C TYR A 105 2.19 -20.05 -13.02
N ARG A 106 1.53 -18.90 -13.14
CA ARG A 106 0.62 -18.38 -12.13
C ARG A 106 -0.81 -18.61 -12.60
N LEU A 107 -1.71 -18.89 -11.65
CA LEU A 107 -3.11 -19.17 -11.98
C LEU A 107 -3.85 -17.85 -12.11
N GLY A 108 -4.08 -17.41 -13.34
CA GLY A 108 -4.68 -16.11 -13.55
C GLY A 108 -6.13 -16.04 -13.11
N THR A 109 -6.52 -14.86 -12.61
CA THR A 109 -7.89 -14.56 -12.23
C THR A 109 -8.29 -13.24 -12.87
N SER A 110 -9.59 -12.94 -12.82
CA SER A 110 -10.12 -11.75 -13.44
C SER A 110 -11.19 -11.14 -12.55
N GLY A 111 -11.24 -9.80 -12.53
CA GLY A 111 -12.27 -9.10 -11.79
C GLY A 111 -13.68 -9.32 -12.32
N SER A 112 -13.81 -9.95 -13.48
CA SER A 112 -15.11 -10.30 -14.05
C SER A 112 -15.72 -11.56 -13.44
N CYS A 113 -14.97 -12.30 -12.63
CA CYS A 113 -15.40 -13.62 -12.15
C CYS A 113 -15.27 -13.70 -10.63
N PRO A 114 -16.13 -13.01 -9.90
CA PRO A 114 -16.06 -13.04 -8.44
C PRO A 114 -16.80 -14.22 -7.83
N ASN A 115 -16.35 -14.62 -6.65
CA ASN A 115 -17.10 -15.50 -5.77
C ASN A 115 -17.32 -14.79 -4.43
N ALA A 116 -17.84 -15.53 -3.45
CA ALA A 116 -18.30 -14.92 -2.20
C ALA A 116 -17.17 -14.24 -1.44
N THR A 117 -15.93 -14.70 -1.60
CA THR A 117 -14.81 -14.18 -0.83
C THR A 117 -13.73 -13.53 -1.68
N SER A 118 -14.00 -13.26 -2.95
CA SER A 118 -12.98 -12.66 -3.81
C SER A 118 -13.67 -11.96 -4.97
N LYS A 119 -13.27 -10.73 -5.23
CA LYS A 119 -13.75 -10.00 -6.40
C LYS A 119 -13.12 -10.49 -7.70
N SER A 120 -12.10 -11.35 -7.62
CA SER A 120 -11.48 -11.97 -8.77
C SER A 120 -11.65 -13.47 -8.70
N GLY A 121 -11.45 -14.12 -9.84
CA GLY A 121 -11.57 -15.57 -9.91
C GLY A 121 -11.50 -16.03 -11.36
N PHE A 122 -11.85 -17.30 -11.55
CA PHE A 122 -11.84 -17.89 -12.88
C PHE A 122 -12.62 -19.19 -12.83
N PHE A 123 -12.97 -19.69 -14.03
CA PHE A 123 -13.73 -20.93 -14.13
C PHE A 123 -13.00 -22.08 -13.43
N ALA A 124 -13.77 -22.87 -12.67
CA ALA A 124 -13.19 -23.99 -11.95
C ALA A 124 -12.78 -25.13 -12.87
N THR A 125 -13.30 -25.17 -14.09
CA THR A 125 -12.93 -26.21 -15.05
C THR A 125 -11.58 -25.95 -15.71
N MET A 126 -11.02 -24.74 -15.57
CA MET A 126 -9.85 -24.34 -16.32
C MET A 126 -8.91 -23.53 -15.44
N ALA A 127 -7.65 -23.48 -15.85
CA ALA A 127 -6.62 -22.72 -15.14
C ALA A 127 -5.88 -21.85 -16.12
N TRP A 128 -5.91 -20.54 -15.87
CA TRP A 128 -5.28 -19.55 -16.75
C TRP A 128 -3.78 -19.55 -16.48
N ALA A 129 -3.03 -20.18 -17.39
CA ALA A 129 -1.58 -20.36 -17.22
C ALA A 129 -0.87 -19.07 -17.64
N VAL A 130 -0.49 -18.26 -16.65
CA VAL A 130 0.18 -16.98 -16.88
C VAL A 130 1.65 -17.15 -16.52
N PRO A 131 2.57 -16.95 -17.46
CA PRO A 131 3.99 -17.14 -17.16
C PRO A 131 4.53 -16.10 -16.19
N LYS A 132 5.70 -16.40 -15.61
CA LYS A 132 6.28 -15.62 -14.51
C LYS A 132 7.71 -15.22 -14.87
N ASP A 133 7.87 -14.16 -15.65
CA ASP A 133 9.16 -13.71 -16.17
C ASP A 133 9.92 -14.79 -16.93
N ASN A 134 9.31 -15.94 -17.15
CA ASN A 134 9.64 -16.76 -18.29
C ASN A 134 8.74 -16.41 -19.48
N ASN A 135 8.11 -15.24 -19.41
CA ASN A 135 7.21 -14.81 -20.48
C ASN A 135 8.00 -14.64 -21.75
N LYS A 136 9.07 -13.85 -21.64
CA LYS A 136 9.96 -13.34 -22.67
C LYS A 136 10.25 -14.42 -23.69
N ASN A 137 10.32 -15.66 -23.21
CA ASN A 137 10.39 -16.84 -24.05
C ASN A 137 9.02 -17.18 -24.61
N ALA A 138 8.73 -16.75 -25.82
CA ALA A 138 7.69 -17.38 -26.60
C ALA A 138 8.07 -18.84 -26.82
N THR A 139 7.07 -19.71 -26.87
CA THR A 139 7.33 -21.14 -26.79
C THR A 139 6.96 -21.84 -28.09
N ASN A 140 7.76 -22.85 -28.44
CA ASN A 140 7.34 -23.83 -29.42
C ASN A 140 6.23 -24.68 -28.80
N PRO A 141 5.39 -25.27 -29.65
CA PRO A 141 4.20 -25.98 -29.15
C PRO A 141 4.53 -27.00 -28.07
N LEU A 142 3.78 -26.94 -26.96
CA LEU A 142 3.97 -27.79 -25.81
C LEU A 142 2.86 -28.83 -25.73
N THR A 143 3.21 -30.03 -25.28
CA THR A 143 2.28 -31.14 -25.20
C THR A 143 2.08 -31.55 -23.75
N VAL A 144 0.83 -31.66 -23.33
CA VAL A 144 0.46 -32.20 -22.03
C VAL A 144 -0.57 -33.29 -22.25
N GLU A 145 -0.43 -34.40 -21.51
CA GLU A 145 -1.38 -35.49 -21.58
C GLU A 145 -2.43 -35.33 -20.51
N VAL A 146 -3.69 -35.48 -20.89
CA VAL A 146 -4.81 -35.31 -19.96
C VAL A 146 -5.27 -36.69 -19.50
N PRO A 147 -4.94 -37.09 -18.27
CA PRO A 147 -5.27 -38.44 -17.82
C PRO A 147 -6.76 -38.62 -17.56
N TYR A 148 -7.20 -39.87 -17.63
CA TYR A 148 -8.56 -40.23 -17.25
C TYR A 148 -8.62 -40.35 -15.73
N ILE A 149 -9.50 -39.57 -15.11
CA ILE A 149 -9.60 -39.52 -13.65
C ILE A 149 -10.98 -39.86 -13.13
N CYS A 150 -11.96 -40.06 -14.00
CA CYS A 150 -13.30 -40.39 -13.54
C CYS A 150 -13.34 -41.82 -13.03
N THR A 151 -14.52 -42.23 -12.57
CA THR A 151 -14.70 -43.57 -12.02
C THR A 151 -14.94 -44.59 -13.14
N GLU A 152 -14.62 -45.85 -12.84
CA GLU A 152 -14.27 -46.86 -13.84
C GLU A 152 -15.06 -46.79 -15.15
N GLY A 153 -16.38 -46.69 -15.07
CA GLY A 153 -17.21 -46.73 -16.25
C GLY A 153 -17.72 -45.40 -16.78
N GLU A 154 -17.19 -44.28 -16.30
CA GLU A 154 -17.77 -42.98 -16.59
C GLU A 154 -17.13 -42.33 -17.81
N ASP A 155 -17.91 -41.47 -18.47
CA ASP A 155 -17.39 -40.61 -19.51
C ASP A 155 -16.75 -39.37 -18.89
N GLN A 156 -15.59 -38.98 -19.40
CA GLN A 156 -14.91 -37.77 -18.95
C GLN A 156 -14.99 -36.71 -20.04
N ILE A 157 -15.51 -35.54 -19.68
CA ILE A 157 -15.58 -34.40 -20.58
C ILE A 157 -14.59 -33.36 -20.06
N THR A 158 -13.58 -33.06 -20.87
CA THR A 158 -12.46 -32.21 -20.46
C THR A 158 -12.64 -30.83 -21.07
N VAL A 159 -12.66 -29.80 -20.23
CA VAL A 159 -12.91 -28.42 -20.65
C VAL A 159 -11.60 -27.67 -20.62
N TRP A 160 -11.30 -26.97 -21.72
CA TRP A 160 -10.04 -26.25 -21.87
C TRP A 160 -10.27 -25.10 -22.83
N GLY A 161 -9.21 -24.33 -23.08
CA GLY A 161 -9.30 -23.24 -24.03
C GLY A 161 -8.02 -22.43 -24.06
N PHE A 162 -8.14 -21.21 -24.55
CA PHE A 162 -6.99 -20.30 -24.62
C PHE A 162 -7.46 -18.86 -24.55
N HIS A 163 -6.65 -18.03 -23.91
CA HIS A 163 -6.88 -16.60 -23.84
C HIS A 163 -6.04 -15.90 -24.90
N SER A 164 -6.62 -14.85 -25.49
CA SER A 164 -5.90 -14.00 -26.43
C SER A 164 -6.20 -12.55 -26.09
N ASP A 165 -5.38 -11.65 -26.61
CA ASP A 165 -5.45 -10.24 -26.27
C ASP A 165 -4.92 -9.42 -27.44
N ASP A 166 -4.88 -8.10 -27.27
CA ASP A 166 -4.37 -7.24 -28.32
C ASP A 166 -2.85 -7.28 -28.32
N LYS A 167 -2.24 -6.58 -29.29
CA LYS A 167 -0.83 -6.79 -29.56
C LYS A 167 0.02 -6.42 -28.35
N THR A 168 -0.24 -5.26 -27.73
CA THR A 168 0.58 -4.82 -26.62
C THR A 168 0.42 -5.73 -25.41
N GLN A 169 -0.81 -6.15 -25.10
CA GLN A 169 -1.03 -6.97 -23.92
C GLN A 169 -0.56 -8.41 -24.13
N MET A 170 -0.60 -8.91 -25.36
CA MET A 170 -0.04 -10.22 -25.64
C MET A 170 1.45 -10.24 -25.33
N LYS A 171 2.17 -9.18 -25.73
CA LYS A 171 3.59 -9.06 -25.43
C LYS A 171 3.85 -8.77 -23.95
N ASN A 172 2.87 -8.24 -23.23
CA ASN A 172 3.08 -7.99 -21.81
C ASN A 172 2.85 -9.25 -20.98
N LEU A 173 1.70 -9.90 -21.17
CA LEU A 173 1.42 -11.14 -20.46
C LEU A 173 2.39 -12.24 -20.86
N TYR A 174 2.59 -12.42 -22.16
CA TYR A 174 3.40 -13.47 -22.72
C TYR A 174 4.54 -12.84 -23.50
N GLY A 175 5.51 -13.64 -23.91
CA GLY A 175 6.61 -13.09 -24.66
C GLY A 175 6.33 -12.99 -26.14
N ASP A 176 5.05 -13.00 -26.51
CA ASP A 176 4.66 -13.14 -27.91
C ASP A 176 3.43 -12.30 -28.20
N SER A 177 3.47 -11.57 -29.32
CA SER A 177 2.30 -10.87 -29.84
C SER A 177 1.72 -11.54 -31.07
N ASN A 178 2.28 -12.67 -31.48
CA ASN A 178 1.86 -13.42 -32.65
C ASN A 178 0.74 -14.40 -32.30
N PRO A 179 -0.03 -14.85 -33.28
CA PRO A 179 -1.06 -15.85 -33.01
C PRO A 179 -0.47 -17.12 -32.42
N GLN A 180 -1.16 -17.67 -31.43
CA GLN A 180 -0.82 -18.95 -30.84
C GLN A 180 -1.75 -20.00 -31.41
N LYS A 181 -1.24 -21.23 -31.50
CA LYS A 181 -2.00 -22.31 -32.12
C LYS A 181 -2.21 -23.41 -31.09
N PHE A 182 -3.41 -23.98 -31.10
CA PHE A 182 -3.83 -24.94 -30.08
C PHE A 182 -4.55 -26.11 -30.75
N THR A 183 -4.19 -27.32 -30.35
CA THR A 183 -4.83 -28.53 -30.85
C THR A 183 -5.18 -29.44 -29.69
N SER A 184 -6.23 -30.25 -29.86
CA SER A 184 -6.63 -31.24 -28.89
C SER A 184 -6.90 -32.56 -29.59
N SER A 185 -6.79 -33.65 -28.84
CA SER A 185 -6.95 -34.98 -29.42
C SER A 185 -7.44 -35.96 -28.36
N ALA A 186 -8.53 -36.66 -28.68
CA ALA A 186 -9.07 -37.72 -27.86
C ALA A 186 -10.16 -38.42 -28.65
N ASN A 187 -10.24 -39.75 -28.49
CA ASN A 187 -11.30 -40.55 -29.10
C ASN A 187 -11.28 -40.45 -30.63
N GLY A 188 -10.09 -40.29 -31.21
CA GLY A 188 -9.97 -40.14 -32.65
C GLY A 188 -10.47 -38.82 -33.19
N VAL A 189 -10.79 -37.87 -32.32
CA VAL A 189 -11.33 -36.56 -32.71
C VAL A 189 -10.28 -35.51 -32.42
N THR A 190 -9.97 -34.70 -33.42
CA THR A 190 -8.98 -33.63 -33.30
C THR A 190 -9.64 -32.29 -33.56
N THR A 191 -9.23 -31.29 -32.78
CA THR A 191 -9.57 -29.90 -33.04
C THR A 191 -8.28 -29.11 -33.24
N HIS A 192 -8.40 -27.96 -33.90
CA HIS A 192 -7.26 -27.11 -34.18
C HIS A 192 -7.71 -25.66 -34.19
N TYR A 193 -6.87 -24.77 -33.66
CA TYR A 193 -7.21 -23.36 -33.59
C TYR A 193 -5.96 -22.50 -33.75
N VAL A 194 -6.17 -21.29 -34.25
CA VAL A 194 -5.17 -20.23 -34.24
C VAL A 194 -5.82 -19.00 -33.63
N SER A 195 -5.10 -18.33 -32.73
CA SER A 195 -5.70 -17.27 -31.93
C SER A 195 -5.79 -15.96 -32.71
N GLN A 196 -6.43 -14.97 -32.09
CA GLN A 196 -6.69 -13.67 -32.70
C GLN A 196 -6.11 -12.58 -31.80
N ILE A 197 -5.39 -11.64 -32.41
CA ILE A 197 -4.77 -10.53 -31.69
C ILE A 197 -5.49 -9.24 -32.08
N GLY A 198 -6.21 -8.68 -31.12
CA GLY A 198 -6.91 -7.42 -31.35
C GLY A 198 -8.14 -7.59 -32.22
N SER A 199 -8.85 -6.47 -32.40
CA SER A 199 -10.00 -6.40 -33.30
C SER A 199 -11.05 -7.46 -32.94
N PHE A 200 -11.32 -7.60 -31.65
CA PHE A 200 -12.18 -8.64 -31.15
C PHE A 200 -13.66 -8.30 -31.35
N PRO A 201 -14.53 -9.31 -31.38
CA PRO A 201 -15.97 -9.05 -31.31
C PRO A 201 -16.32 -8.36 -30.00
N ASP A 202 -17.52 -7.76 -29.98
CA ASP A 202 -18.01 -7.16 -28.74
C ASP A 202 -18.21 -8.22 -27.68
N GLN A 203 -18.09 -7.82 -26.42
CA GLN A 203 -18.30 -8.74 -25.31
C GLN A 203 -19.79 -9.02 -25.16
N THR A 204 -20.12 -10.30 -24.98
CA THR A 204 -21.49 -10.72 -24.71
C THR A 204 -21.48 -11.81 -23.66
N GLU A 205 -22.58 -11.89 -22.90
CA GLU A 205 -22.82 -13.00 -21.99
C GLU A 205 -21.68 -13.16 -20.97
N ASP A 206 -21.15 -12.02 -20.51
CA ASP A 206 -19.98 -12.03 -19.65
C ASP A 206 -20.23 -11.23 -18.37
N GLY A 207 -19.16 -10.95 -17.62
CA GLY A 207 -19.27 -10.28 -16.34
C GLY A 207 -19.55 -8.79 -16.42
N GLY A 208 -19.52 -8.19 -17.60
CA GLY A 208 -19.90 -6.81 -17.76
C GLY A 208 -18.81 -5.79 -17.50
N LEU A 209 -17.56 -6.21 -17.37
CA LEU A 209 -16.47 -5.25 -17.28
C LEU A 209 -15.68 -5.22 -18.59
N PRO A 210 -15.24 -4.04 -19.03
CA PRO A 210 -14.48 -3.97 -20.28
C PRO A 210 -13.22 -4.82 -20.23
N GLN A 211 -12.95 -5.51 -21.32
CA GLN A 211 -11.77 -6.38 -21.42
C GLN A 211 -11.18 -6.24 -22.81
N SER A 212 -9.85 -6.09 -22.87
CA SER A 212 -9.18 -5.98 -24.15
C SER A 212 -9.04 -7.31 -24.87
N GLY A 213 -9.09 -8.44 -24.14
CA GLY A 213 -8.96 -9.74 -24.72
C GLY A 213 -10.21 -10.59 -24.52
N ARG A 214 -10.19 -11.77 -25.13
CA ARG A 214 -11.23 -12.77 -24.91
C ARG A 214 -10.59 -14.14 -24.75
N ILE A 215 -11.43 -15.11 -24.42
CA ILE A 215 -11.04 -16.50 -24.34
C ILE A 215 -11.91 -17.31 -25.28
N VAL A 216 -11.35 -18.39 -25.80
CA VAL A 216 -12.07 -19.39 -26.57
C VAL A 216 -12.07 -20.67 -25.75
N VAL A 217 -13.25 -21.24 -25.52
CA VAL A 217 -13.40 -22.41 -24.65
C VAL A 217 -13.92 -23.58 -25.48
N ASP A 218 -13.34 -24.75 -25.26
CA ASP A 218 -13.69 -25.97 -25.96
C ASP A 218 -13.82 -27.11 -24.96
N TYR A 219 -14.37 -28.23 -25.42
CA TYR A 219 -14.38 -29.46 -24.64
C TYR A 219 -14.01 -30.63 -25.54
N MET A 220 -13.43 -31.66 -24.94
CA MET A 220 -13.17 -32.91 -25.62
C MET A 220 -13.62 -34.06 -24.72
N MET A 221 -14.19 -35.08 -25.32
CA MET A 221 -14.69 -36.24 -24.58
C MET A 221 -13.63 -37.33 -24.54
N GLN A 222 -13.45 -37.91 -23.36
CA GLN A 222 -12.55 -39.05 -23.15
C GLN A 222 -13.41 -40.21 -22.69
N LYS A 223 -13.52 -41.25 -23.52
CA LYS A 223 -14.34 -42.39 -23.15
C LYS A 223 -13.60 -43.22 -22.10
N PRO A 224 -14.34 -44.10 -21.36
CA PRO A 224 -13.75 -44.76 -20.19
C PRO A 224 -12.35 -45.32 -20.38
N GLY A 225 -11.42 -44.83 -19.56
CA GLY A 225 -10.03 -45.26 -19.62
C GLY A 225 -9.19 -44.59 -20.69
N LYS A 226 -9.78 -43.70 -21.47
CA LYS A 226 -9.04 -43.05 -22.56
C LYS A 226 -8.42 -41.75 -22.08
N THR A 227 -7.17 -41.53 -22.49
CA THR A 227 -6.47 -40.31 -22.16
C THR A 227 -6.76 -39.23 -23.20
N GLY A 228 -6.38 -37.99 -22.88
CA GLY A 228 -6.50 -36.88 -23.79
C GLY A 228 -5.16 -36.20 -23.99
N THR A 229 -5.10 -35.34 -25.01
CA THR A 229 -3.88 -34.62 -25.33
C THR A 229 -4.24 -33.20 -25.75
N ILE A 230 -3.54 -32.23 -25.19
CA ILE A 230 -3.65 -30.83 -25.58
C ILE A 230 -2.26 -30.33 -25.93
N VAL A 231 -2.11 -29.73 -27.11
CA VAL A 231 -0.87 -29.11 -27.55
C VAL A 231 -1.11 -27.62 -27.65
N TYR A 232 -0.24 -26.83 -27.03
CA TYR A 232 -0.58 -25.43 -26.79
C TYR A 232 0.65 -24.55 -26.87
N GLN A 233 0.40 -23.25 -26.73
CA GLN A 233 1.40 -22.20 -26.72
C GLN A 233 0.95 -21.22 -25.63
N ARG A 234 1.45 -19.99 -25.66
CA ARG A 234 1.10 -19.03 -24.61
C ARG A 234 -0.39 -18.73 -24.60
N GLY A 235 -0.92 -18.51 -23.39
CA GLY A 235 -2.32 -18.19 -23.20
C GLY A 235 -3.23 -19.38 -22.94
N VAL A 236 -2.67 -20.58 -22.77
CA VAL A 236 -3.49 -21.78 -22.65
C VAL A 236 -4.33 -21.74 -21.37
N LEU A 237 -5.53 -22.29 -21.46
CA LEU A 237 -6.41 -22.51 -20.30
C LEU A 237 -6.44 -24.02 -20.06
N LEU A 238 -5.57 -24.47 -19.17
CA LEU A 238 -5.45 -25.91 -18.92
C LEU A 238 -6.65 -26.42 -18.13
N PRO A 239 -7.12 -27.63 -18.42
CA PRO A 239 -8.27 -28.17 -17.67
C PRO A 239 -7.91 -28.44 -16.21
N GLN A 240 -8.85 -28.14 -15.31
CA GLN A 240 -8.69 -28.54 -13.91
C GLN A 240 -9.78 -29.49 -13.46
N LYS A 241 -11.03 -29.04 -13.38
CA LYS A 241 -12.14 -29.87 -12.94
C LYS A 241 -12.85 -30.37 -14.18
N VAL A 242 -13.00 -31.68 -14.29
CA VAL A 242 -13.60 -32.29 -15.45
C VAL A 242 -14.97 -32.82 -15.07
N TRP A 243 -15.80 -33.03 -16.08
CA TRP A 243 -17.11 -33.62 -15.87
C TRP A 243 -17.00 -35.13 -15.96
N CYS A 244 -17.57 -35.83 -14.99
CA CYS A 244 -17.60 -37.28 -14.96
C CYS A 244 -19.06 -37.70 -15.12
N ALA A 245 -19.39 -38.24 -16.28
CA ALA A 245 -20.76 -38.53 -16.65
C ALA A 245 -20.93 -39.99 -17.01
N SER A 246 -22.12 -40.52 -16.76
CA SER A 246 -22.44 -41.89 -17.08
C SER A 246 -23.94 -42.01 -17.32
N GLY A 247 -24.34 -43.09 -17.95
CA GLY A 247 -25.73 -43.33 -18.19
C GLY A 247 -26.28 -42.51 -19.34
N ARG A 248 -27.61 -42.51 -19.41
CA ARG A 248 -28.31 -41.99 -20.57
C ARG A 248 -29.64 -41.45 -20.08
N SER A 249 -29.98 -40.24 -20.52
CA SER A 249 -31.18 -39.54 -20.06
C SER A 249 -32.02 -39.15 -21.27
N LYS A 250 -33.33 -39.28 -21.12
CA LYS A 250 -34.25 -38.97 -22.21
C LYS A 250 -34.50 -37.47 -22.23
N VAL A 251 -33.96 -36.80 -23.25
CA VAL A 251 -34.08 -35.36 -23.41
C VAL A 251 -35.24 -35.06 -24.35
N ILE A 252 -36.05 -34.07 -24.01
CA ILE A 252 -37.30 -33.85 -24.71
C ILE A 252 -37.43 -32.41 -25.17
N VAL B 4 10.22 -9.15 6.23
CA VAL B 4 9.68 -8.36 5.13
C VAL B 4 10.16 -6.92 5.25
N GLN B 5 10.81 -6.43 4.20
CA GLN B 5 11.43 -5.10 4.23
C GLN B 5 11.17 -4.38 2.92
N LEU B 6 10.87 -3.09 3.02
CA LEU B 6 10.78 -2.19 1.87
C LEU B 6 11.66 -0.98 2.14
N VAL B 7 12.47 -0.60 1.16
CA VAL B 7 13.43 0.49 1.32
C VAL B 7 13.30 1.42 0.10
N GLU B 8 12.65 2.57 0.30
CA GLU B 8 12.57 3.56 -0.75
C GLU B 8 13.88 4.32 -0.88
N SER B 9 14.15 4.79 -2.10
CA SER B 9 15.35 5.56 -2.38
C SER B 9 15.12 6.41 -3.62
N GLY B 10 15.99 7.40 -3.80
CA GLY B 10 15.94 8.27 -4.95
C GLY B 10 15.27 9.62 -4.74
N GLY B 11 14.79 9.91 -3.53
CA GLY B 11 14.17 11.20 -3.28
C GLY B 11 15.19 12.30 -3.06
N GLY B 12 14.85 13.49 -3.52
CA GLY B 12 15.75 14.61 -3.41
C GLY B 12 15.11 15.88 -3.91
N LEU B 13 15.94 16.89 -4.11
CA LEU B 13 15.49 18.21 -4.57
C LEU B 13 15.53 18.25 -6.09
N VAL B 14 14.36 18.45 -6.71
CA VAL B 14 14.26 18.63 -8.16
C VAL B 14 13.62 19.96 -8.48
N GLN B 15 14.16 20.60 -9.48
CA GLN B 15 13.51 21.74 -10.12
C GLN B 15 12.20 21.30 -10.79
N PRO B 16 11.18 22.16 -10.81
CA PRO B 16 9.93 21.80 -11.46
C PRO B 16 10.12 21.53 -12.94
N GLY B 17 9.33 20.59 -13.47
CA GLY B 17 9.39 20.20 -14.86
C GLY B 17 10.40 19.11 -15.15
N ARG B 18 11.28 18.80 -14.21
CA ARG B 18 12.30 17.79 -14.42
C ARG B 18 11.72 16.40 -14.15
N SER B 19 12.59 15.39 -14.15
CA SER B 19 12.18 14.00 -13.93
C SER B 19 12.90 13.44 -12.71
N LEU B 20 12.30 12.42 -12.12
CA LEU B 20 12.85 11.73 -10.97
C LEU B 20 12.33 10.30 -10.97
N ARG B 21 13.17 9.38 -10.52
CA ARG B 21 12.77 7.98 -10.34
C ARG B 21 13.04 7.55 -8.92
N LEU B 22 12.01 7.04 -8.26
CA LEU B 22 12.14 6.43 -6.94
C LEU B 22 12.18 4.90 -7.10
N SER B 23 12.97 4.26 -6.26
CA SER B 23 13.07 2.81 -6.25
C SER B 23 12.62 2.29 -4.89
N CYS B 24 12.06 1.09 -4.88
CA CYS B 24 11.68 0.40 -3.65
C CYS B 24 12.25 -1.00 -3.69
N ALA B 25 13.22 -1.27 -2.83
CA ALA B 25 13.88 -2.57 -2.77
C ALA B 25 13.12 -3.48 -1.83
N ALA B 26 12.40 -4.46 -2.40
CA ALA B 26 11.65 -5.42 -1.61
C ALA B 26 12.53 -6.60 -1.25
N SER B 27 12.27 -7.16 -0.07
CA SER B 27 13.01 -8.31 0.42
C SER B 27 12.21 -8.95 1.54
N GLY B 28 12.49 -10.24 1.79
CA GLY B 28 11.84 -10.95 2.86
C GLY B 28 10.48 -11.52 2.54
N PHE B 29 10.06 -11.48 1.28
CA PHE B 29 8.82 -12.11 0.86
C PHE B 29 8.87 -12.30 -0.65
N THR B 30 8.04 -13.20 -1.15
CA THR B 30 8.01 -13.45 -2.60
C THR B 30 7.36 -12.26 -3.28
N PHE B 31 8.22 -11.33 -3.75
CA PHE B 31 7.75 -10.02 -4.18
C PHE B 31 6.90 -10.08 -5.44
N ASP B 32 7.17 -11.03 -6.33
CA ASP B 32 6.45 -11.09 -7.60
C ASP B 32 5.10 -11.78 -7.51
N ASP B 33 4.71 -12.27 -6.32
CA ASP B 33 3.37 -12.77 -6.13
C ASP B 33 2.36 -11.67 -5.82
N TYR B 34 2.82 -10.46 -5.49
CA TYR B 34 1.95 -9.46 -4.90
C TYR B 34 1.85 -8.21 -5.76
N PRO B 35 0.71 -7.52 -5.71
CA PRO B 35 0.67 -6.13 -6.16
C PRO B 35 1.42 -5.24 -5.20
N MET B 36 1.90 -4.11 -5.73
CA MET B 36 2.63 -3.13 -4.94
C MET B 36 1.99 -1.76 -5.13
N HIS B 37 2.30 -0.84 -4.21
CA HIS B 37 1.63 0.44 -4.15
C HIS B 37 2.61 1.57 -3.91
N TRP B 38 2.27 2.74 -4.42
CA TRP B 38 2.93 4.00 -4.10
C TRP B 38 1.92 4.92 -3.42
N VAL B 39 2.26 5.40 -2.24
CA VAL B 39 1.45 6.36 -1.50
C VAL B 39 2.36 7.50 -1.04
N ARG B 40 1.86 8.72 -1.12
CA ARG B 40 2.65 9.89 -0.75
C ARG B 40 1.93 10.68 0.33
N GLN B 41 2.66 11.63 0.92
CA GLN B 41 2.16 12.39 2.07
C GLN B 41 2.88 13.73 2.11
N ALA B 42 2.15 14.79 1.79
CA ALA B 42 2.69 16.13 1.95
C ALA B 42 2.90 16.42 3.43
N PRO B 43 3.91 17.24 3.77
CA PRO B 43 4.23 17.46 5.19
C PRO B 43 3.06 18.07 5.95
N GLY B 44 2.65 17.38 7.01
CA GLY B 44 1.51 17.77 7.81
C GLY B 44 0.18 17.27 7.30
N LYS B 45 0.14 16.61 6.15
CA LYS B 45 -1.11 16.29 5.49
C LYS B 45 -1.27 14.77 5.40
N GLY B 46 -2.43 14.36 4.91
CA GLY B 46 -2.82 12.97 4.98
C GLY B 46 -2.18 12.10 3.92
N LEU B 47 -2.48 10.81 4.00
CA LEU B 47 -2.01 9.86 3.00
C LEU B 47 -2.77 10.04 1.70
N GLU B 48 -2.03 10.04 0.59
CA GLU B 48 -2.62 10.18 -0.74
C GLU B 48 -2.06 9.09 -1.65
N TRP B 49 -2.95 8.32 -2.25
CA TRP B 49 -2.54 7.22 -3.12
C TRP B 49 -2.03 7.75 -4.45
N VAL B 50 -0.92 7.17 -4.93
CA VAL B 50 -0.30 7.57 -6.19
C VAL B 50 -0.56 6.54 -7.28
N SER B 51 -0.13 5.29 -7.05
CA SER B 51 -0.19 4.30 -8.12
C SER B 51 -0.22 2.90 -7.52
N THR B 52 -0.68 1.95 -8.35
CA THR B 52 -0.73 0.54 -7.99
C THR B 52 -0.39 -0.28 -9.24
N ILE B 53 0.42 -1.31 -9.07
CA ILE B 53 0.82 -2.19 -10.16
C ILE B 53 0.54 -3.63 -9.76
N SER B 54 0.09 -4.44 -10.72
CA SER B 54 -0.23 -5.83 -10.46
C SER B 54 1.05 -6.64 -10.28
N TRP B 55 0.89 -7.94 -10.01
CA TRP B 55 2.05 -8.80 -9.75
C TRP B 55 2.95 -8.88 -10.97
N ASN B 56 2.37 -9.07 -12.16
CA ASN B 56 3.10 -8.85 -13.39
C ASN B 56 3.05 -7.37 -13.74
N GLY B 57 3.68 -6.99 -14.83
CA GLY B 57 3.63 -5.59 -15.18
C GLY B 57 2.37 -5.15 -15.90
N ALA B 58 1.42 -6.07 -16.10
CA ALA B 58 0.32 -5.86 -17.03
C ALA B 58 -0.83 -5.03 -16.48
N GLY B 59 -0.85 -4.76 -15.17
CA GLY B 59 -1.94 -3.99 -14.61
C GLY B 59 -1.48 -2.73 -13.90
N LEU B 60 -1.82 -1.57 -14.44
CA LEU B 60 -1.39 -0.29 -13.90
C LEU B 60 -2.60 0.54 -13.47
N ALA B 61 -2.36 1.44 -12.54
CA ALA B 61 -3.40 2.32 -12.02
C ALA B 61 -2.74 3.58 -11.46
N TYR B 62 -3.36 4.73 -11.74
CA TYR B 62 -2.79 6.01 -11.32
C TYR B 62 -3.88 6.90 -10.75
N ALA B 63 -3.52 7.68 -9.74
CA ALA B 63 -4.37 8.79 -9.34
C ALA B 63 -4.39 9.84 -10.44
N ASP B 64 -5.49 10.58 -10.53
CA ASP B 64 -5.63 11.57 -11.60
C ASP B 64 -4.58 12.67 -11.49
N SER B 65 -4.11 12.95 -10.27
CA SER B 65 -3.08 13.97 -10.08
C SER B 65 -1.82 13.66 -10.88
N VAL B 66 -1.56 12.38 -11.14
CA VAL B 66 -0.30 11.95 -11.73
C VAL B 66 -0.47 11.22 -13.05
N LYS B 67 -1.70 10.88 -13.45
CA LYS B 67 -1.92 10.17 -14.71
C LYS B 67 -1.35 10.98 -15.87
N GLY B 68 -0.54 10.31 -16.70
CA GLY B 68 0.13 10.95 -17.80
C GLY B 68 1.48 11.55 -17.46
N ARG B 69 1.81 11.68 -16.17
CA ARG B 69 3.11 12.19 -15.74
C ARG B 69 3.97 11.14 -15.06
N PHE B 70 3.37 10.22 -14.32
CA PHE B 70 4.10 9.20 -13.57
C PHE B 70 3.92 7.85 -14.26
N THR B 71 4.92 6.98 -14.11
CA THR B 71 4.86 5.62 -14.63
C THR B 71 5.33 4.66 -13.55
N VAL B 72 4.45 3.76 -13.14
CA VAL B 72 4.82 2.68 -12.24
C VAL B 72 5.37 1.51 -13.06
N SER B 73 6.34 0.82 -12.49
CA SER B 73 6.94 -0.34 -13.13
C SER B 73 7.67 -1.15 -12.06
N ARG B 74 8.04 -2.38 -12.42
CA ARG B 74 8.68 -3.26 -11.47
C ARG B 74 9.68 -4.15 -12.19
N ASP B 75 10.72 -4.53 -11.46
CA ASP B 75 11.67 -5.57 -11.88
C ASP B 75 11.52 -6.73 -10.92
N ASN B 76 10.90 -7.81 -11.37
CA ASN B 76 10.63 -8.94 -10.48
C ASN B 76 11.87 -9.76 -10.19
N ALA B 77 12.85 -9.78 -11.09
CA ALA B 77 14.11 -10.46 -10.82
C ALA B 77 14.92 -9.67 -9.78
N LYS B 78 15.09 -8.36 -10.01
CA LYS B 78 15.64 -7.44 -9.02
C LYS B 78 14.80 -7.25 -7.78
N ARG B 79 13.49 -7.53 -7.83
CA ARG B 79 12.61 -7.33 -6.68
C ARG B 79 12.54 -5.84 -6.32
N VAL B 80 12.34 -5.00 -7.34
CA VAL B 80 12.31 -3.55 -7.18
C VAL B 80 11.02 -3.00 -7.76
N LEU B 81 10.36 -2.12 -7.02
CA LEU B 81 9.24 -1.34 -7.52
C LEU B 81 9.73 0.06 -7.86
N TYR B 82 9.38 0.54 -9.05
CA TYR B 82 9.82 1.83 -9.55
C TYR B 82 8.66 2.81 -9.65
N LEU B 83 9.00 4.10 -9.63
CA LEU B 83 8.04 5.18 -9.88
C LEU B 83 8.79 6.27 -10.64
N GLN B 84 8.62 6.29 -11.96
CA GLN B 84 9.24 7.32 -12.79
C GLN B 84 8.32 8.54 -12.82
N MET B 85 8.75 9.62 -12.19
CA MET B 85 7.99 10.86 -12.13
C MET B 85 8.59 11.86 -13.11
N SER B 86 7.75 12.42 -13.98
CA SER B 86 8.17 13.42 -14.95
C SER B 86 7.24 14.63 -14.85
N SER B 87 7.66 15.73 -15.47
CA SER B 87 6.92 17.00 -15.43
C SER B 87 6.56 17.37 -13.99
N LEU B 88 7.57 17.34 -13.13
CA LEU B 88 7.33 17.46 -11.70
C LEU B 88 6.82 18.86 -11.34
N ARG B 89 5.83 18.89 -10.46
CA ARG B 89 5.16 20.09 -9.99
C ARG B 89 5.47 20.32 -8.51
N PRO B 90 5.41 21.57 -8.05
CA PRO B 90 5.70 21.81 -6.62
C PRO B 90 4.77 21.08 -5.67
N GLU B 91 3.54 20.76 -6.10
CA GLU B 91 2.64 20.01 -5.25
C GLU B 91 2.86 18.51 -5.35
N ASP B 92 3.87 18.06 -6.09
CA ASP B 92 4.36 16.68 -5.98
C ASP B 92 5.30 16.51 -4.79
N THR B 93 5.66 17.60 -4.12
CA THR B 93 6.49 17.52 -2.92
C THR B 93 5.78 16.73 -1.84
N ALA B 94 6.39 15.63 -1.41
CA ALA B 94 5.79 14.75 -0.42
C ALA B 94 6.81 13.70 0.00
N LEU B 95 6.46 12.96 1.05
CA LEU B 95 7.17 11.74 1.42
C LEU B 95 6.49 10.58 0.71
N TYR B 96 7.26 9.83 -0.08
CA TYR B 96 6.71 8.79 -0.95
C TYR B 96 6.92 7.43 -0.30
N TYR B 97 5.82 6.74 -0.03
CA TYR B 97 5.83 5.46 0.66
C TYR B 97 5.72 4.32 -0.34
N CYS B 98 6.58 3.33 -0.20
CA CYS B 98 6.40 2.03 -0.84
C CYS B 98 5.53 1.17 0.07
N ALA B 99 4.64 0.38 -0.52
CA ALA B 99 3.72 -0.41 0.27
C ALA B 99 3.42 -1.73 -0.42
N LYS B 100 3.33 -2.79 0.39
CA LYS B 100 3.04 -4.14 -0.07
C LYS B 100 1.55 -4.43 0.07
N ASP B 101 0.98 -5.06 -0.94
CA ASP B 101 -0.40 -5.55 -0.82
C ASP B 101 -0.43 -6.77 0.08
N ARG B 102 -1.50 -6.87 0.88
CA ARG B 102 -1.62 -7.98 1.82
C ARG B 102 -1.97 -9.29 1.13
N VAL B 103 -2.42 -9.24 -0.13
CA VAL B 103 -2.99 -10.39 -0.81
C VAL B 103 -2.28 -10.60 -2.14
N ASP B 104 -1.88 -11.84 -2.42
CA ASP B 104 -1.14 -12.16 -3.64
C ASP B 104 -2.09 -12.43 -4.81
N THR B 105 -2.82 -11.39 -5.18
CA THR B 105 -3.78 -11.48 -6.27
C THR B 105 -3.05 -11.75 -7.59
N THR B 106 -3.58 -12.70 -8.36
CA THR B 106 -3.04 -13.00 -9.68
C THR B 106 -3.68 -12.16 -10.78
N SER B 107 -4.76 -11.45 -10.49
CA SER B 107 -5.44 -10.66 -11.49
C SER B 107 -4.68 -9.36 -11.76
N TRP B 108 -4.81 -8.88 -13.00
CA TRP B 108 -4.19 -7.62 -13.41
C TRP B 108 -5.17 -6.71 -14.13
N ASP B 109 -6.45 -7.06 -14.18
CA ASP B 109 -7.46 -6.22 -14.83
C ASP B 109 -8.24 -5.38 -13.82
N TYR B 110 -8.68 -5.99 -12.72
CA TYR B 110 -9.45 -5.27 -11.73
C TYR B 110 -9.17 -5.82 -10.34
N TYR B 111 -9.23 -4.93 -9.35
CA TYR B 111 -9.25 -5.30 -7.94
C TYR B 111 -7.98 -6.02 -7.50
N PHE B 112 -6.84 -5.67 -8.09
CA PHE B 112 -5.56 -6.12 -7.56
C PHE B 112 -5.04 -5.14 -6.51
N HIS B 113 -5.91 -4.84 -5.53
CA HIS B 113 -5.59 -3.88 -4.48
C HIS B 113 -6.44 -4.19 -3.28
N LYS B 114 -5.79 -4.39 -2.13
CA LYS B 114 -6.45 -4.64 -0.86
C LYS B 114 -5.69 -3.85 0.19
N SER B 115 -5.87 -4.19 1.46
CA SER B 115 -5.12 -3.53 2.52
C SER B 115 -3.62 -3.66 2.29
N MET B 116 -2.88 -2.63 2.68
CA MET B 116 -1.43 -2.59 2.53
C MET B 116 -0.80 -2.89 3.89
N ASP B 117 -0.16 -4.06 4.00
CA ASP B 117 0.27 -4.56 5.31
C ASP B 117 1.70 -4.18 5.67
N VAL B 118 2.56 -3.90 4.69
CA VAL B 118 3.93 -3.49 4.95
C VAL B 118 4.21 -2.19 4.23
N TRP B 119 4.79 -1.22 4.93
CA TRP B 119 5.17 0.06 4.38
C TRP B 119 6.66 0.28 4.60
N GLY B 120 7.29 0.97 3.67
CA GLY B 120 8.63 1.47 3.88
C GLY B 120 8.61 2.73 4.72
N GLN B 121 9.81 3.20 5.06
CA GLN B 121 9.92 4.44 5.82
C GLN B 121 9.88 5.68 4.92
N GLY B 122 9.86 5.49 3.61
CA GLY B 122 9.62 6.59 2.70
C GLY B 122 10.89 7.32 2.28
N THR B 123 10.81 7.96 1.12
CA THR B 123 11.86 8.83 0.62
C THR B 123 11.24 10.19 0.31
N SER B 124 11.93 11.26 0.69
CA SER B 124 11.37 12.60 0.63
C SER B 124 11.75 13.29 -0.66
N VAL B 125 10.77 13.88 -1.33
CA VAL B 125 10.96 14.57 -2.60
C VAL B 125 10.53 16.02 -2.42
N THR B 126 11.44 16.95 -2.69
CA THR B 126 11.14 18.37 -2.67
C THR B 126 11.28 18.91 -4.08
N VAL B 127 10.20 19.48 -4.60
CA VAL B 127 10.17 20.06 -5.94
C VAL B 127 10.28 21.58 -5.78
N SER B 128 11.45 22.13 -6.11
CA SER B 128 11.71 23.54 -5.87
C SER B 128 12.86 24.00 -6.75
N GLY B 129 12.78 25.24 -7.21
CA GLY B 129 13.86 25.89 -7.91
C GLY B 129 14.85 26.59 -7.02
N ALA B 130 14.76 26.38 -5.70
CA ALA B 130 15.62 27.05 -4.75
C ALA B 130 16.96 26.33 -4.63
N SER B 131 17.96 27.07 -4.18
CA SER B 131 19.32 26.55 -4.06
C SER B 131 19.46 25.65 -2.85
N THR B 132 20.24 24.58 -3.01
CA THR B 132 20.60 23.74 -1.87
C THR B 132 21.57 24.51 -0.98
N LYS B 133 21.31 24.45 0.33
CA LYS B 133 22.14 25.10 1.34
C LYS B 133 22.39 24.15 2.49
N GLY B 134 23.66 23.88 2.77
CA GLY B 134 24.04 23.02 3.87
C GLY B 134 24.03 23.78 5.18
N PRO B 135 23.90 23.05 6.29
CA PRO B 135 23.73 23.71 7.59
C PRO B 135 25.04 23.98 8.31
N SER B 136 25.00 25.02 9.13
CA SER B 136 25.98 25.20 10.19
C SER B 136 25.50 24.47 11.42
N VAL B 137 26.41 23.79 12.11
CA VAL B 137 26.08 23.01 13.30
C VAL B 137 26.79 23.65 14.48
N PHE B 138 26.01 24.35 15.32
CA PHE B 138 26.52 24.99 16.52
C PHE B 138 26.16 24.18 17.76
N PRO B 139 26.97 24.23 18.81
CA PRO B 139 26.65 23.51 20.04
C PRO B 139 25.71 24.30 20.95
N LEU B 140 25.00 23.55 21.79
CA LEU B 140 24.13 24.08 22.83
C LEU B 140 24.73 23.63 24.16
N ALA B 141 25.57 24.48 24.74
CA ALA B 141 26.43 24.08 25.85
C ALA B 141 25.68 24.14 27.18
N PRO B 142 25.86 23.13 28.05
CA PRO B 142 25.29 23.07 29.41
C PRO B 142 25.78 24.21 30.30
N THR B 151 18.49 18.24 35.99
CA THR B 151 19.78 17.62 35.73
C THR B 151 20.46 18.27 34.51
N ALA B 152 21.29 17.51 33.82
CA ALA B 152 22.13 18.06 32.76
C ALA B 152 21.41 18.03 31.41
N ALA B 153 21.39 19.18 30.74
CA ALA B 153 20.79 19.32 29.42
C ALA B 153 21.81 19.87 28.44
N LEU B 154 21.77 19.36 27.21
CA LEU B 154 22.73 19.68 26.17
C LEU B 154 22.14 19.33 24.81
N GLY B 155 22.77 19.86 23.76
CA GLY B 155 22.32 19.53 22.42
C GLY B 155 23.09 20.28 21.36
N CYS B 156 22.58 20.19 20.12
CA CYS B 156 23.17 20.79 18.95
C CYS B 156 22.15 21.66 18.23
N LEU B 157 22.62 22.75 17.63
CA LEU B 157 21.80 23.64 16.83
C LEU B 157 22.22 23.52 15.37
N VAL B 158 21.25 23.21 14.51
CA VAL B 158 21.49 22.97 13.08
C VAL B 158 20.77 24.08 12.32
N LYS B 159 21.52 25.08 11.88
CA LYS B 159 20.95 26.32 11.38
C LYS B 159 21.17 26.47 9.88
N ASP B 160 20.18 27.06 9.20
CA ASP B 160 20.32 27.57 7.84
C ASP B 160 20.69 26.47 6.84
N TYR B 161 19.72 25.57 6.60
CA TYR B 161 19.86 24.56 5.57
C TYR B 161 18.61 24.48 4.70
N PHE B 162 18.78 23.91 3.50
CA PHE B 162 17.70 23.67 2.56
C PHE B 162 18.17 22.63 1.55
N PRO B 163 17.35 21.61 1.25
CA PRO B 163 16.04 21.43 1.91
C PRO B 163 16.03 20.51 3.17
N GLU B 164 14.87 20.38 3.94
CA GLU B 164 14.62 19.25 4.85
C GLU B 164 14.66 17.96 4.01
N PRO B 165 15.09 16.85 4.60
CA PRO B 165 15.51 16.67 6.00
C PRO B 165 16.99 16.76 6.33
N VAL B 166 17.30 16.87 7.62
CA VAL B 166 18.59 16.50 8.18
C VAL B 166 18.37 15.33 9.12
N THR B 167 19.39 14.51 9.31
CA THR B 167 19.37 13.44 10.29
C THR B 167 20.25 13.83 11.47
N VAL B 168 19.78 13.59 12.68
CA VAL B 168 20.52 13.98 13.87
C VAL B 168 20.66 12.73 14.72
N SER B 169 21.89 12.33 14.99
CA SER B 169 22.18 11.12 15.75
C SER B 169 23.03 11.46 16.97
N TRP B 170 22.72 10.82 18.10
CA TRP B 170 23.41 11.08 19.35
C TRP B 170 24.25 9.87 19.75
N ASN B 171 25.50 10.13 20.15
CA ASN B 171 26.45 9.09 20.49
C ASN B 171 26.59 8.07 19.35
N SER B 172 26.59 8.59 18.12
CA SER B 172 26.68 7.77 16.91
C SER B 172 25.62 6.67 16.90
N GLY B 173 24.42 7.03 17.36
CA GLY B 173 23.29 6.13 17.39
C GLY B 173 23.07 5.40 18.70
N ALA B 174 24.07 5.41 19.60
CA ALA B 174 23.93 4.67 20.86
C ALA B 174 22.94 5.35 21.79
N LEU B 175 23.15 6.63 22.08
CA LEU B 175 22.31 7.35 23.04
C LEU B 175 20.99 7.72 22.36
N THR B 176 19.92 7.03 22.74
CA THR B 176 18.57 7.38 22.32
C THR B 176 17.70 7.85 23.48
N SER B 177 18.08 7.55 24.71
CA SER B 177 17.24 7.86 25.86
C SER B 177 17.23 9.36 26.13
N GLY B 178 16.03 9.94 26.19
CA GLY B 178 15.89 11.34 26.53
C GLY B 178 16.29 12.31 25.44
N VAL B 179 16.29 11.88 24.18
CA VAL B 179 16.63 12.74 23.05
C VAL B 179 15.37 13.45 22.58
N HIS B 180 15.49 14.75 22.30
CA HIS B 180 14.42 15.52 21.66
C HIS B 180 15.01 16.27 20.48
N THR B 181 14.71 15.80 19.27
CA THR B 181 15.06 16.52 18.05
C THR B 181 13.79 17.23 17.57
N PHE B 182 13.80 18.56 17.65
CA PHE B 182 12.61 19.32 17.38
C PHE B 182 12.34 19.41 15.88
N PRO B 183 11.06 19.53 15.50
CA PRO B 183 10.76 19.75 14.08
C PRO B 183 11.41 21.03 13.58
N ALA B 184 11.89 20.99 12.34
CA ALA B 184 12.56 22.14 11.77
C ALA B 184 11.60 23.32 11.68
N VAL B 185 12.17 24.52 11.67
CA VAL B 185 11.40 25.75 11.56
C VAL B 185 11.86 26.49 10.31
N LEU B 186 10.92 26.87 9.47
CA LEU B 186 11.22 27.59 8.22
C LEU B 186 11.37 29.07 8.54
N GLN B 187 12.61 29.52 8.68
CA GLN B 187 12.88 30.88 9.12
C GLN B 187 12.48 31.89 8.06
N SER B 188 12.70 33.17 8.36
CA SER B 188 12.34 34.24 7.43
C SER B 188 13.10 34.13 6.12
N SER B 189 14.35 33.65 6.17
CA SER B 189 15.21 33.59 5.00
C SER B 189 14.78 32.51 4.01
N GLY B 190 13.83 31.65 4.36
CA GLY B 190 13.57 30.48 3.54
C GLY B 190 14.53 29.34 3.79
N LEU B 191 15.31 29.40 4.87
CA LEU B 191 16.22 28.34 5.27
C LEU B 191 15.73 27.73 6.57
N TYR B 192 15.90 26.42 6.69
CA TYR B 192 15.40 25.70 7.85
C TYR B 192 16.40 25.72 8.99
N SER B 193 15.89 25.53 10.20
CA SER B 193 16.71 25.41 11.39
C SER B 193 15.97 24.55 12.40
N LEU B 194 16.67 23.57 12.97
CA LEU B 194 16.12 22.77 14.05
C LEU B 194 17.15 22.66 15.16
N SER B 195 16.69 22.17 16.31
CA SER B 195 17.55 21.91 17.45
C SER B 195 17.32 20.49 17.93
N SER B 196 18.40 19.85 18.40
CA SER B 196 18.33 18.54 19.01
C SER B 196 18.95 18.63 20.40
N VAL B 197 18.23 18.10 21.39
CA VAL B 197 18.69 18.13 22.77
C VAL B 197 18.50 16.75 23.37
N VAL B 198 19.30 16.44 24.39
CA VAL B 198 19.14 15.19 25.13
C VAL B 198 19.54 15.44 26.58
N THR B 199 18.85 14.77 27.49
CA THR B 199 19.08 14.89 28.93
C THR B 199 19.95 13.73 29.38
N VAL B 200 21.10 14.04 29.96
CA VAL B 200 22.03 13.04 30.48
C VAL B 200 22.28 13.37 31.93
N PRO B 201 22.71 12.40 32.73
CA PRO B 201 23.06 12.70 34.13
C PRO B 201 24.26 13.63 34.21
N SER B 202 24.19 14.58 35.13
CA SER B 202 25.39 15.33 35.50
C SER B 202 26.42 14.42 36.16
N SER B 203 25.98 13.28 36.71
CA SER B 203 26.90 12.26 37.19
C SER B 203 27.80 11.75 36.07
N SER B 204 27.29 11.73 34.84
CA SER B 204 28.05 11.31 33.67
C SER B 204 28.44 12.49 32.78
N LEU B 205 28.62 13.67 33.38
CA LEU B 205 29.08 14.82 32.62
C LEU B 205 30.59 14.74 32.37
N GLY B 206 31.37 14.64 33.43
CA GLY B 206 32.77 14.34 33.28
C GLY B 206 32.99 12.92 32.81
N THR B 207 34.09 12.72 32.08
CA THR B 207 34.47 11.42 31.52
C THR B 207 33.40 10.86 30.59
N GLN B 208 32.68 11.74 29.90
CA GLN B 208 31.72 11.34 28.86
C GLN B 208 31.71 12.45 27.81
N THR B 209 32.39 12.20 26.69
CA THR B 209 32.32 13.11 25.55
C THR B 209 31.06 12.85 24.77
N TYR B 210 30.28 13.90 24.53
CA TYR B 210 28.97 13.77 23.89
C TYR B 210 29.04 14.28 22.45
N ILE B 211 28.54 13.45 21.53
CA ILE B 211 28.64 13.62 20.08
C ILE B 211 27.25 13.67 19.48
N CYS B 212 26.99 14.72 18.68
CA CYS B 212 25.80 14.78 17.84
C CYS B 212 26.22 14.64 16.38
N ASN B 213 25.41 13.91 15.61
CA ASN B 213 25.76 13.50 14.25
C ASN B 213 24.75 14.10 13.28
N VAL B 214 25.12 15.21 12.65
CA VAL B 214 24.25 15.92 11.73
C VAL B 214 24.66 15.56 10.32
N ASN B 215 23.73 14.99 9.56
CA ASN B 215 23.95 14.71 8.14
C ASN B 215 22.83 15.35 7.33
N HIS B 216 23.21 16.14 6.34
CA HIS B 216 22.29 16.75 5.39
C HIS B 216 22.70 16.25 4.01
N LYS B 217 22.09 15.15 3.56
CA LYS B 217 22.46 14.52 2.31
C LYS B 217 22.38 15.42 1.07
N PRO B 218 21.41 16.36 0.93
CA PRO B 218 21.39 17.20 -0.29
C PRO B 218 22.70 17.93 -0.55
N SER B 219 23.52 18.08 0.48
CA SER B 219 24.94 18.45 0.39
C SER B 219 25.74 17.32 1.01
N ASN B 220 27.07 17.37 0.96
CA ASN B 220 27.83 16.37 1.74
C ASN B 220 28.19 16.90 3.11
N THR B 221 27.16 17.31 3.84
CA THR B 221 27.38 17.92 5.14
C THR B 221 27.14 16.87 6.21
N LYS B 222 28.17 16.07 6.49
CA LYS B 222 28.15 15.08 7.57
C LYS B 222 29.09 15.58 8.66
N VAL B 223 28.51 16.12 9.73
CA VAL B 223 29.26 16.72 10.82
C VAL B 223 28.99 15.94 12.10
N ASP B 224 30.06 15.72 12.88
CA ASP B 224 29.97 15.17 14.23
C ASP B 224 30.57 16.21 15.16
N LYS B 225 29.76 16.78 16.04
CA LYS B 225 30.29 17.86 16.86
C LYS B 225 30.12 17.52 18.33
N ARG B 226 31.11 17.93 19.12
CA ARG B 226 31.20 17.60 20.54
C ARG B 226 30.38 18.60 21.36
N VAL B 227 29.79 18.12 22.45
CA VAL B 227 29.05 19.00 23.33
C VAL B 227 29.69 19.02 24.72
N ASP C 3 -15.69 8.78 -8.02
CA ASP C 3 -14.69 8.65 -6.97
C ASP C 3 -15.33 8.67 -5.59
N ILE C 4 -14.75 7.94 -4.66
CA ILE C 4 -15.36 7.71 -3.35
C ILE C 4 -14.56 8.54 -2.35
N GLN C 5 -15.17 9.57 -1.76
CA GLN C 5 -14.55 10.23 -0.61
C GLN C 5 -14.73 9.40 0.65
N MET C 6 -13.68 9.38 1.47
CA MET C 6 -13.77 8.84 2.82
C MET C 6 -13.83 10.01 3.78
N THR C 7 -14.98 10.16 4.45
CA THR C 7 -15.16 11.21 5.44
C THR C 7 -14.85 10.63 6.81
N GLN C 8 -13.78 11.13 7.43
CA GLN C 8 -13.30 10.62 8.70
C GLN C 8 -13.53 11.65 9.79
N SER C 9 -14.04 11.21 10.94
CA SER C 9 -14.35 12.10 12.04
C SER C 9 -14.14 11.36 13.34
N PRO C 10 -13.67 12.04 14.41
CA PRO C 10 -13.31 13.46 14.40
C PRO C 10 -11.99 13.69 13.69
N SER C 11 -11.70 14.94 13.30
CA SER C 11 -10.38 15.24 12.75
C SER C 11 -9.29 15.09 13.80
N SER C 12 -9.62 15.40 15.06
CA SER C 12 -8.69 15.24 16.17
C SER C 12 -9.50 15.06 17.43
N LEU C 13 -8.93 14.32 18.38
CA LEU C 13 -9.56 14.15 19.67
C LEU C 13 -8.46 14.04 20.72
N SER C 14 -8.85 14.19 21.99
CA SER C 14 -7.93 13.94 23.08
C SER C 14 -8.71 13.34 24.23
N ALA C 15 -8.24 12.19 24.73
CA ALA C 15 -8.95 11.46 25.77
C ALA C 15 -7.95 10.91 26.77
N SER C 16 -8.43 10.66 27.98
CA SER C 16 -7.58 10.16 29.04
C SER C 16 -7.20 8.70 28.78
N VAL C 17 -6.13 8.27 29.45
CA VAL C 17 -5.74 6.86 29.40
C VAL C 17 -6.88 6.02 29.95
N GLY C 18 -7.22 4.94 29.25
CA GLY C 18 -8.32 4.08 29.62
C GLY C 18 -9.66 4.50 29.08
N ASP C 19 -9.76 5.67 28.46
CA ASP C 19 -11.01 6.10 27.85
C ASP C 19 -11.26 5.32 26.56
N ARG C 20 -12.50 5.40 26.09
CA ARG C 20 -12.90 4.78 24.83
C ARG C 20 -12.77 5.81 23.71
N VAL C 21 -12.17 5.39 22.60
CA VAL C 21 -11.99 6.24 21.43
C VAL C 21 -12.81 5.66 20.29
N THR C 22 -13.62 6.50 19.65
CA THR C 22 -14.49 6.07 18.58
C THR C 22 -14.24 6.92 17.34
N ILE C 23 -13.76 6.28 16.27
CA ILE C 23 -13.48 6.94 15.00
C ILE C 23 -14.38 6.34 13.94
N THR C 24 -15.08 7.19 13.20
CA THR C 24 -15.96 6.76 12.14
C THR C 24 -15.42 7.19 10.78
N CYS C 25 -15.65 6.34 9.79
CA CYS C 25 -15.27 6.64 8.41
C CYS C 25 -16.47 6.41 7.51
N GLN C 26 -16.79 7.40 6.68
CA GLN C 26 -17.95 7.37 5.82
C GLN C 26 -17.51 7.35 4.37
N ALA C 27 -18.08 6.44 3.60
CA ALA C 27 -17.84 6.38 2.17
C ALA C 27 -19.01 7.01 1.45
N SER C 28 -18.72 7.88 0.47
CA SER C 28 -19.78 8.52 -0.29
C SER C 28 -20.61 7.50 -1.05
N GLN C 29 -20.13 6.27 -1.12
CA GLN C 29 -20.81 5.23 -1.85
C GLN C 29 -20.42 3.87 -1.29
N GLY C 30 -21.19 2.84 -1.64
CA GLY C 30 -21.03 1.53 -1.04
C GLY C 30 -19.70 0.89 -1.42
N ILE C 31 -18.83 0.66 -0.45
CA ILE C 31 -17.59 -0.08 -0.65
C ILE C 31 -17.66 -1.47 -0.05
N GLY C 32 -18.83 -1.86 0.45
CA GLY C 32 -19.02 -3.19 1.02
C GLY C 32 -18.10 -3.49 2.17
N ASN C 33 -17.16 -4.41 1.94
CA ASN C 33 -16.26 -4.90 2.97
C ASN C 33 -14.87 -4.29 2.93
N TYR C 34 -14.51 -3.60 1.85
CA TYR C 34 -13.11 -3.39 1.50
C TYR C 34 -12.62 -2.05 2.04
N LEU C 35 -12.42 -2.03 3.35
CA LEU C 35 -11.89 -0.89 4.08
C LEU C 35 -10.84 -1.38 5.07
N SER C 36 -9.85 -0.53 5.33
CA SER C 36 -8.79 -0.87 6.27
C SER C 36 -8.43 0.35 7.11
N TRP C 37 -7.84 0.09 8.27
CA TRP C 37 -7.45 1.12 9.22
C TRP C 37 -5.95 1.08 9.46
N TYR C 38 -5.29 2.22 9.30
CA TYR C 38 -3.85 2.33 9.48
C TYR C 38 -3.52 3.24 10.66
N GLN C 39 -2.45 2.91 11.36
CA GLN C 39 -1.96 3.71 12.47
C GLN C 39 -0.58 4.25 12.10
N GLN C 40 -0.42 5.57 12.16
CA GLN C 40 0.84 6.23 11.87
C GLN C 40 1.28 6.98 13.12
N LYS C 41 2.26 6.42 13.83
CA LYS C 41 2.80 7.09 15.00
C LYS C 41 3.74 8.21 14.57
N PRO C 42 3.90 9.23 15.40
CA PRO C 42 4.73 10.38 15.02
C PRO C 42 6.13 9.97 14.57
N GLY C 43 6.52 10.43 13.39
CA GLY C 43 7.82 10.13 12.83
C GLY C 43 7.93 8.77 12.19
N LYS C 44 6.88 7.98 12.17
CA LYS C 44 6.91 6.62 11.66
C LYS C 44 6.00 6.49 10.43
N ALA C 45 6.05 5.32 9.81
CA ALA C 45 5.24 4.96 8.67
C ALA C 45 3.94 4.31 9.13
N PRO C 46 2.92 4.28 8.28
CA PRO C 46 1.64 3.65 8.67
C PRO C 46 1.80 2.16 8.93
N LYS C 47 0.92 1.64 9.79
CA LYS C 47 0.84 0.22 10.07
C LYS C 47 -0.61 -0.24 9.95
N LEU C 48 -0.80 -1.41 9.33
CA LEU C 48 -2.13 -2.03 9.31
C LEU C 48 -2.52 -2.47 10.71
N LEU C 49 -3.66 -1.95 11.18
CA LEU C 49 -4.32 -2.47 12.38
C LEU C 49 -5.51 -3.35 12.02
N ILE C 50 -6.39 -2.85 11.16
CA ILE C 50 -7.63 -3.51 10.78
C ILE C 50 -7.71 -3.56 9.27
N TYR C 51 -8.18 -4.69 8.73
CA TYR C 51 -8.38 -4.82 7.29
C TYR C 51 -9.71 -5.54 7.05
N ASP C 52 -10.30 -5.26 5.88
CA ASP C 52 -11.64 -5.76 5.53
C ASP C 52 -12.64 -5.45 6.63
N ALA C 53 -12.49 -4.25 7.20
CA ALA C 53 -13.39 -3.56 8.10
C ALA C 53 -13.46 -4.13 9.51
N SER C 54 -13.04 -5.37 9.71
CA SER C 54 -13.13 -5.94 11.04
C SER C 54 -12.02 -6.91 11.41
N ASN C 55 -11.11 -7.25 10.50
CA ASN C 55 -10.12 -8.28 10.79
C ASN C 55 -8.90 -7.65 11.44
N LEU C 56 -8.46 -8.25 12.53
CA LEU C 56 -7.42 -7.68 13.38
C LEU C 56 -6.09 -8.28 12.93
N GLU C 57 -5.21 -7.42 12.38
CA GLU C 57 -3.97 -7.85 11.77
C GLU C 57 -3.07 -8.52 12.80
N THR C 58 -2.08 -9.28 12.31
CA THR C 58 -1.19 -10.03 13.19
C THR C 58 -0.49 -9.11 14.18
N GLY C 59 -0.54 -9.49 15.46
CA GLY C 59 0.23 -8.85 16.50
C GLY C 59 -0.42 -7.67 17.17
N VAL C 60 -1.42 -7.05 16.54
CA VAL C 60 -2.01 -5.84 17.10
C VAL C 60 -2.98 -6.22 18.22
N PRO C 61 -3.05 -5.41 19.29
CA PRO C 61 -3.74 -5.86 20.51
C PRO C 61 -5.25 -5.90 20.35
N SER C 62 -5.88 -6.61 21.29
CA SER C 62 -7.33 -6.81 21.28
C SER C 62 -8.11 -5.54 21.60
N ARG C 63 -7.46 -4.49 22.13
CA ARG C 63 -8.17 -3.25 22.39
C ARG C 63 -8.54 -2.52 21.10
N PHE C 64 -8.02 -2.95 19.96
CA PHE C 64 -8.39 -2.41 18.66
C PHE C 64 -9.47 -3.27 18.03
N SER C 65 -10.48 -2.60 17.44
CA SER C 65 -11.59 -3.32 16.82
C SER C 65 -12.21 -2.44 15.75
N GLY C 66 -12.66 -3.09 14.67
CA GLY C 66 -13.34 -2.41 13.59
C GLY C 66 -14.66 -3.08 13.27
N SER C 67 -15.56 -2.30 12.68
CA SER C 67 -16.88 -2.80 12.33
C SER C 67 -17.48 -1.91 11.25
N GLY C 68 -18.35 -2.50 10.44
CA GLY C 68 -19.10 -1.77 9.44
C GLY C 68 -19.08 -2.45 8.09
N SER C 69 -19.93 -1.94 7.21
CA SER C 69 -20.02 -2.37 5.82
C SER C 69 -20.82 -1.33 5.07
N GLY C 70 -20.86 -1.47 3.75
CA GLY C 70 -21.62 -0.53 2.95
C GLY C 70 -20.97 0.84 2.89
N THR C 71 -21.54 1.79 3.63
CA THR C 71 -21.04 3.16 3.64
C THR C 71 -20.55 3.64 5.00
N HIS C 72 -20.73 2.86 6.07
CA HIS C 72 -20.42 3.32 7.42
C HIS C 72 -19.50 2.31 8.11
N PHE C 73 -18.44 2.82 8.74
CA PHE C 73 -17.44 1.99 9.39
C PHE C 73 -16.99 2.65 10.68
N THR C 74 -16.74 1.82 11.70
CA THR C 74 -16.40 2.30 13.04
C THR C 74 -15.08 1.67 13.49
N PHE C 75 -14.12 2.50 13.85
CA PHE C 75 -12.86 2.09 14.45
C PHE C 75 -12.86 2.48 15.91
N ILE C 76 -12.52 1.55 16.79
CA ILE C 76 -12.62 1.75 18.23
C ILE C 76 -11.34 1.29 18.90
N ILE C 77 -10.79 2.14 19.76
CA ILE C 77 -9.80 1.74 20.76
C ILE C 77 -10.56 1.60 22.07
N ILE C 78 -10.64 0.38 22.61
CA ILE C 78 -11.54 0.11 23.72
C ILE C 78 -11.04 0.76 25.01
N ARG C 79 -9.71 0.79 25.20
CA ARG C 79 -9.10 1.40 26.39
C ARG C 79 -7.81 2.06 25.93
N LEU C 80 -7.85 3.39 25.78
CA LEU C 80 -6.74 4.11 25.20
C LEU C 80 -5.49 3.99 26.06
N GLN C 81 -4.35 3.84 25.42
CA GLN C 81 -3.06 3.61 26.05
C GLN C 81 -2.08 4.67 25.58
N PRO C 82 -1.07 5.00 26.39
CA PRO C 82 -0.17 6.11 26.01
C PRO C 82 0.54 5.90 24.69
N GLU C 83 0.88 4.67 24.33
CA GLU C 83 1.56 4.37 23.08
C GLU C 83 0.63 4.45 21.87
N ASP C 84 -0.65 4.73 22.07
CA ASP C 84 -1.59 4.88 20.97
C ASP C 84 -1.57 6.27 20.36
N ILE C 85 -0.64 7.14 20.78
CA ILE C 85 -0.49 8.44 20.17
C ILE C 85 -0.14 8.25 18.70
N ALA C 86 -1.03 8.72 17.81
CA ALA C 86 -0.88 8.51 16.39
C ALA C 86 -1.97 9.27 15.66
N THR C 87 -1.85 9.31 14.34
CA THR C 87 -2.92 9.70 13.45
C THR C 87 -3.39 8.46 12.71
N TYR C 88 -4.70 8.21 12.75
CA TYR C 88 -5.29 6.99 12.20
C TYR C 88 -5.99 7.31 10.89
N TYR C 89 -5.87 6.39 9.92
CA TYR C 89 -6.42 6.59 8.59
C TYR C 89 -7.26 5.38 8.19
N CYS C 90 -8.45 5.65 7.66
CA CYS C 90 -9.22 4.64 6.95
C CYS C 90 -8.90 4.72 5.46
N GLN C 91 -9.05 3.59 4.77
CA GLN C 91 -8.76 3.53 3.35
C GLN C 91 -9.64 2.50 2.69
N GLN C 92 -10.27 2.88 1.58
CA GLN C 92 -11.08 1.96 0.79
C GLN C 92 -10.27 1.42 -0.38
N TYR C 93 -10.43 0.13 -0.66
CA TYR C 93 -9.80 -0.50 -1.80
C TYR C 93 -10.82 -1.29 -2.61
N ASP C 94 -12.08 -0.85 -2.58
CA ASP C 94 -13.12 -1.48 -3.38
C ASP C 94 -13.11 -1.00 -4.82
N ASN C 95 -12.70 0.25 -5.06
CA ASN C 95 -12.74 0.80 -6.40
C ASN C 95 -11.67 1.86 -6.55
N LEU C 96 -11.24 2.06 -7.80
CA LEU C 96 -10.27 3.05 -8.27
C LEU C 96 -10.97 4.38 -8.54
N PRO C 97 -10.38 5.50 -8.13
CA PRO C 97 -9.08 5.56 -7.46
C PRO C 97 -9.13 5.19 -5.98
N LEU C 98 -8.07 4.57 -5.47
CA LEU C 98 -7.96 4.32 -4.04
C LEU C 98 -7.93 5.64 -3.30
N THR C 99 -8.73 5.75 -2.25
CA THR C 99 -8.84 6.98 -1.49
C THR C 99 -8.72 6.70 0.00
N PHE C 100 -8.19 7.69 0.72
CA PHE C 100 -8.00 7.64 2.15
C PHE C 100 -8.95 8.61 2.84
N GLY C 101 -9.15 8.40 4.13
CA GLY C 101 -9.78 9.41 4.95
C GLY C 101 -8.80 10.51 5.31
N GLY C 102 -9.36 11.64 5.76
CA GLY C 102 -8.53 12.77 6.13
C GLY C 102 -7.63 12.52 7.32
N GLY C 103 -7.85 11.44 8.06
CA GLY C 103 -7.07 11.13 9.24
C GLY C 103 -7.69 11.70 10.50
N THR C 104 -7.26 11.13 11.63
CA THR C 104 -7.77 11.52 12.94
C THR C 104 -6.62 11.48 13.94
N LYS C 105 -6.23 12.63 14.45
CA LYS C 105 -5.14 12.72 15.42
C LYS C 105 -5.66 12.36 16.80
N VAL C 106 -5.04 11.36 17.43
CA VAL C 106 -5.39 10.93 18.77
C VAL C 106 -4.26 11.36 19.72
N GLU C 107 -4.63 12.07 20.79
CA GLU C 107 -3.67 12.53 21.78
C GLU C 107 -4.20 12.21 23.17
N ILE C 108 -3.27 12.03 24.11
CA ILE C 108 -3.64 11.76 25.50
C ILE C 108 -3.93 13.07 26.20
N THR C 109 -5.05 13.14 26.93
CA THR C 109 -5.23 14.14 27.96
C THR C 109 -4.63 13.60 29.24
N ARG C 110 -3.48 14.13 29.66
CA ARG C 110 -2.81 13.56 30.88
C ARG C 110 -2.84 14.57 32.04
N THR C 111 -2.13 14.26 33.13
CA THR C 111 -2.05 15.11 34.34
C THR C 111 -1.16 16.33 34.08
N VAL C 112 -1.33 17.40 34.86
CA VAL C 112 -0.55 18.66 34.64
C VAL C 112 0.93 18.40 34.94
N ALA C 113 1.80 18.58 33.95
CA ALA C 113 3.24 18.42 34.13
C ALA C 113 3.94 19.76 33.96
N ALA C 114 4.95 20.02 34.79
CA ALA C 114 5.64 21.29 34.72
C ALA C 114 6.88 21.19 33.83
N PRO C 115 7.11 22.20 32.97
CA PRO C 115 8.30 22.17 32.11
C PRO C 115 9.54 22.64 32.87
N SER C 116 10.56 21.77 32.90
CA SER C 116 11.86 22.17 33.42
C SER C 116 12.55 23.03 32.35
N VAL C 117 12.77 24.30 32.67
CA VAL C 117 13.19 25.30 31.70
C VAL C 117 14.71 25.35 31.64
N PHE C 118 15.25 25.52 30.43
CA PHE C 118 16.69 25.61 30.22
C PHE C 118 16.98 26.76 29.26
N ILE C 119 18.17 27.34 29.42
CA ILE C 119 18.62 28.48 28.62
C ILE C 119 19.96 28.13 27.99
N PHE C 120 20.19 28.60 26.77
CA PHE C 120 21.44 28.39 26.07
C PHE C 120 21.82 29.69 25.36
N PRO C 121 23.02 30.20 25.60
CA PRO C 121 23.49 31.38 24.86
C PRO C 121 24.04 30.98 23.50
N PRO C 122 24.17 31.93 22.56
CA PRO C 122 24.80 31.60 21.28
C PRO C 122 26.24 31.13 21.50
N SER C 123 26.64 30.13 20.73
CA SER C 123 27.92 29.47 20.91
C SER C 123 29.05 30.33 20.35
N ASP C 124 30.28 29.93 20.69
CA ASP C 124 31.46 30.65 20.20
C ASP C 124 31.53 30.60 18.68
N GLU C 125 31.28 29.42 18.10
CA GLU C 125 31.31 29.28 16.65
C GLU C 125 30.32 30.23 15.99
N GLN C 126 29.09 30.26 16.51
CA GLN C 126 28.03 31.04 15.87
C GLN C 126 28.31 32.54 15.93
N LEU C 127 28.86 33.02 17.05
CA LEU C 127 29.13 34.44 17.19
C LEU C 127 30.13 34.92 16.16
N LYS C 128 31.01 34.04 15.68
CA LYS C 128 31.90 34.39 14.58
C LYS C 128 31.12 34.85 13.36
N SER C 129 29.99 34.21 13.09
CA SER C 129 29.22 34.41 11.89
C SER C 129 28.22 35.55 11.99
N GLY C 130 28.45 36.50 12.90
CA GLY C 130 27.68 37.73 12.92
C GLY C 130 26.21 37.60 13.23
N THR C 131 25.78 36.48 13.80
CA THR C 131 24.39 36.32 14.23
C THR C 131 24.38 35.62 15.58
N ALA C 132 23.35 35.90 16.37
CA ALA C 132 23.19 35.33 17.69
C ALA C 132 21.83 34.65 17.79
N SER C 133 21.84 33.34 18.02
CA SER C 133 20.63 32.58 18.29
C SER C 133 20.66 32.18 19.76
N VAL C 134 19.62 32.57 20.48
CA VAL C 134 19.51 32.28 21.91
C VAL C 134 18.39 31.27 22.05
N VAL C 135 18.65 30.17 22.76
CA VAL C 135 17.73 29.03 22.77
C VAL C 135 17.19 28.82 24.18
N CYS C 136 15.88 28.66 24.28
CA CYS C 136 15.20 28.33 25.53
C CYS C 136 14.46 27.02 25.34
N LEU C 137 14.72 26.05 26.23
CA LEU C 137 14.18 24.71 26.12
C LEU C 137 13.08 24.51 27.16
N LEU C 138 11.85 24.30 26.69
CA LEU C 138 10.75 23.89 27.56
C LEU C 138 10.59 22.38 27.40
N ASN C 139 10.77 21.65 28.50
CA ASN C 139 10.98 20.21 28.43
C ASN C 139 9.93 19.45 29.22
N ASN C 140 9.25 18.51 28.57
CA ASN C 140 8.45 17.48 29.20
C ASN C 140 7.34 18.07 30.08
N PHE C 141 6.38 18.72 29.41
CA PHE C 141 5.27 19.38 30.10
C PHE C 141 3.94 18.98 29.47
N TYR C 142 2.87 19.24 30.22
CA TYR C 142 1.48 19.11 29.77
C TYR C 142 0.64 20.04 30.63
N PRO C 143 -0.34 20.76 30.06
CA PRO C 143 -0.75 20.71 28.65
C PRO C 143 0.22 21.41 27.72
N ARG C 144 -0.11 21.38 26.44
CA ARG C 144 0.78 21.93 25.43
C ARG C 144 0.83 23.45 25.48
N GLU C 145 -0.26 24.08 25.87
CA GLU C 145 -0.30 25.54 25.90
C GLU C 145 0.80 26.07 26.81
N ALA C 146 1.62 26.96 26.25
CA ALA C 146 2.75 27.52 26.98
C ALA C 146 3.16 28.79 26.27
N LYS C 147 3.23 29.89 27.01
CA LYS C 147 3.65 31.18 26.46
C LYS C 147 5.04 31.48 26.96
N VAL C 148 5.96 31.75 26.04
CA VAL C 148 7.32 32.08 26.39
C VAL C 148 7.61 33.46 25.82
N GLN C 149 8.09 34.36 26.66
CA GLN C 149 8.46 35.70 26.24
C GLN C 149 9.96 35.89 26.40
N TRP C 150 10.56 36.61 25.45
CA TRP C 150 11.98 36.88 25.48
C TRP C 150 12.21 38.29 26.00
N LYS C 151 13.11 38.42 26.97
CA LYS C 151 13.43 39.71 27.58
C LYS C 151 14.92 39.98 27.40
N VAL C 152 15.22 40.96 26.55
CA VAL C 152 16.58 41.43 26.32
C VAL C 152 16.77 42.73 27.10
N ASP C 153 17.69 42.69 28.07
CA ASP C 153 17.85 43.79 29.03
C ASP C 153 16.50 44.20 29.62
N ASN C 154 15.66 43.20 29.86
CA ASN C 154 14.28 43.39 30.31
C ASN C 154 13.50 44.27 29.31
N ALA C 155 13.28 43.69 28.13
CA ALA C 155 12.43 44.33 27.13
C ALA C 155 11.77 43.25 26.29
N LEU C 156 10.45 43.35 26.16
CA LEU C 156 9.68 42.34 25.45
C LEU C 156 10.01 42.37 23.96
N GLN C 157 10.58 41.27 23.48
CA GLN C 157 10.85 41.12 22.06
C GLN C 157 9.61 40.57 21.36
N SER C 158 9.25 41.17 20.21
CA SER C 158 8.13 40.72 19.40
C SER C 158 8.58 40.54 17.95
N GLY C 159 8.51 39.32 17.44
CA GLY C 159 8.87 39.03 16.06
C GLY C 159 10.31 38.59 15.85
N ASN C 160 10.96 38.04 16.86
CA ASN C 160 12.40 37.84 16.89
C ASN C 160 12.78 36.39 17.12
N SER C 161 11.79 35.53 17.38
CA SER C 161 12.00 34.15 17.73
C SER C 161 10.95 33.31 17.04
N GLN C 162 11.18 32.01 17.00
CA GLN C 162 10.22 31.05 16.47
C GLN C 162 10.18 29.86 17.40
N GLU C 163 9.08 29.14 17.38
CA GLU C 163 8.88 28.01 18.27
C GLU C 163 8.86 26.70 17.50
N SER C 164 8.96 25.60 18.25
CA SER C 164 8.91 24.27 17.68
C SER C 164 8.60 23.29 18.80
N VAL C 165 7.46 22.61 18.71
CA VAL C 165 7.01 21.66 19.72
C VAL C 165 7.11 20.26 19.13
N THR C 166 7.53 19.30 19.96
CA THR C 166 7.52 17.91 19.55
C THR C 166 6.10 17.34 19.61
N GLU C 167 5.91 16.18 18.98
CA GLU C 167 4.67 15.46 19.17
C GLU C 167 4.64 14.83 20.55
N GLN C 168 3.45 14.43 20.98
CA GLN C 168 3.28 13.88 22.32
C GLN C 168 4.11 12.61 22.49
N ASP C 169 4.74 12.49 23.65
CA ASP C 169 5.57 11.32 23.95
C ASP C 169 4.69 10.09 24.17
N SER C 170 5.16 8.93 23.70
CA SER C 170 4.40 7.70 23.85
C SER C 170 4.50 7.08 25.23
N LYS C 171 5.38 7.58 26.11
CA LYS C 171 5.54 6.98 27.42
C LYS C 171 5.01 7.84 28.56
N ASP C 172 5.27 9.16 28.56
CA ASP C 172 4.73 10.02 29.61
C ASP C 172 3.74 11.06 29.10
N SER C 173 3.43 11.06 27.81
CA SER C 173 2.37 11.90 27.24
C SER C 173 2.63 13.39 27.43
N THR C 174 3.90 13.79 27.46
CA THR C 174 4.24 15.21 27.56
C THR C 174 4.75 15.73 26.22
N TYR C 175 4.81 17.05 26.12
CA TYR C 175 5.37 17.73 24.98
C TYR C 175 6.76 18.25 25.32
N SER C 176 7.35 19.02 24.41
CA SER C 176 8.63 19.68 24.65
C SER C 176 8.76 20.80 23.62
N LEU C 177 9.26 21.94 24.06
CA LEU C 177 9.22 23.15 23.24
C LEU C 177 10.61 23.75 23.11
N SER C 178 10.88 24.32 21.94
CA SER C 178 12.08 25.10 21.68
C SER C 178 11.69 26.47 21.18
N SER C 179 12.29 27.51 21.76
CA SER C 179 12.14 28.88 21.28
C SER C 179 13.53 29.42 21.00
N THR C 180 13.71 30.01 19.81
CA THR C 180 15.02 30.46 19.36
C THR C 180 14.96 31.94 19.02
N LEU C 181 15.43 32.77 19.96
CA LEU C 181 15.53 34.21 19.75
C LEU C 181 16.73 34.50 18.87
N THR C 182 16.49 35.02 17.67
CA THR C 182 17.55 35.29 16.70
C THR C 182 17.63 36.79 16.43
N LEU C 183 18.83 37.35 16.58
CA LEU C 183 19.13 38.71 16.18
C LEU C 183 20.63 38.83 15.94
N SER C 184 21.00 39.95 15.32
CA SER C 184 22.38 40.16 14.88
C SER C 184 23.33 40.18 16.07
N LYS C 185 24.58 39.74 15.81
CA LYS C 185 25.62 39.92 16.82
C LYS C 185 25.81 41.39 17.15
N ALA C 186 25.52 42.29 16.20
CA ALA C 186 25.57 43.71 16.48
C ALA C 186 24.64 44.07 17.63
N ASP C 187 23.42 43.52 17.63
CA ASP C 187 22.51 43.72 18.75
C ASP C 187 22.90 42.90 19.97
N TYR C 188 23.45 41.71 19.77
CA TYR C 188 23.83 40.87 20.89
C TYR C 188 24.92 41.50 21.75
N GLU C 189 25.69 42.43 21.19
CA GLU C 189 26.67 43.16 21.99
C GLU C 189 26.09 44.41 22.65
N LYS C 190 24.95 44.90 22.18
CA LYS C 190 24.35 46.10 22.74
C LYS C 190 23.64 45.87 24.07
N HIS C 191 23.53 44.63 24.53
CA HIS C 191 22.77 44.31 25.73
C HIS C 191 23.53 43.27 26.55
N LYS C 192 23.08 43.06 27.79
CA LYS C 192 23.77 42.16 28.70
C LYS C 192 22.89 41.03 29.22
N VAL C 193 21.72 41.33 29.76
CA VAL C 193 20.88 40.33 30.42
C VAL C 193 19.81 39.87 29.46
N TYR C 194 19.81 38.58 29.16
CA TYR C 194 18.82 37.97 28.27
C TYR C 194 17.98 37.00 29.09
N ALA C 195 16.67 37.18 29.07
CA ALA C 195 15.76 36.44 29.94
C ALA C 195 14.73 35.71 29.11
N CYS C 196 14.42 34.48 29.53
CA CYS C 196 13.38 33.65 28.93
C CYS C 196 12.28 33.44 29.98
N GLU C 197 11.13 34.05 29.76
CA GLU C 197 10.02 33.99 30.70
C GLU C 197 8.97 33.00 30.21
N VAL C 198 8.55 32.10 31.10
CA VAL C 198 7.71 30.97 30.75
C VAL C 198 6.39 31.07 31.52
N THR C 199 5.28 30.90 30.80
CA THR C 199 3.95 30.85 31.39
C THR C 199 3.37 29.45 31.16
N HIS C 200 2.89 28.82 32.24
CA HIS C 200 2.36 27.47 32.13
C HIS C 200 1.47 27.19 33.34
N GLN C 201 0.57 26.20 33.17
CA GLN C 201 -0.34 25.85 34.25
C GLN C 201 0.38 25.22 35.43
N GLY C 202 1.40 24.40 35.16
CA GLY C 202 2.14 23.71 36.20
C GLY C 202 3.18 24.54 36.91
N LEU C 203 3.33 25.81 36.54
CA LEU C 203 4.25 26.70 37.20
C LEU C 203 3.51 27.47 38.29
N SER C 204 3.94 27.26 39.55
CA SER C 204 3.31 27.95 40.68
C SER C 204 3.41 29.46 40.51
N SER C 205 4.60 29.92 40.12
CA SER C 205 5.00 31.27 39.76
C SER C 205 5.69 31.21 38.41
N PRO C 206 5.42 32.15 37.51
CA PRO C 206 6.09 32.12 36.20
C PRO C 206 7.60 32.12 36.35
N VAL C 207 8.23 31.14 35.69
CA VAL C 207 9.67 30.88 35.81
C VAL C 207 10.42 31.59 34.69
N THR C 208 11.51 32.26 35.06
CA THR C 208 12.44 32.88 34.12
C THR C 208 13.80 32.22 34.24
N LYS C 209 14.49 32.11 33.10
CA LYS C 209 15.86 31.64 33.05
C LYS C 209 16.68 32.65 32.24
N SER C 210 17.82 33.06 32.78
CA SER C 210 18.59 34.15 32.20
C SER C 210 20.09 33.87 32.32
N PHE C 211 20.87 34.61 31.52
CA PHE C 211 22.32 34.53 31.58
C PHE C 211 22.92 35.92 31.48
N ASN C 212 24.14 36.04 31.99
CA ASN C 212 25.01 37.19 31.76
C ASN C 212 26.06 36.82 30.72
N ARG C 213 26.48 37.79 29.91
CA ARG C 213 27.09 37.44 28.63
C ARG C 213 28.51 36.96 28.85
N GLY C 214 28.63 35.65 29.10
CA GLY C 214 29.87 34.93 29.15
C GLY C 214 30.34 34.71 30.57
N GLU C 215 30.05 33.53 31.13
CA GLU C 215 30.39 33.25 32.52
C GLU C 215 30.76 31.78 32.72
C1 NAG D . -12.86 -17.88 -4.84
C2 NAG D . -12.34 -19.28 -4.63
C3 NAG D . -10.98 -19.24 -3.97
C4 NAG D . -10.03 -18.36 -4.78
C5 NAG D . -10.65 -17.01 -5.13
C6 NAG D . -9.86 -16.25 -6.17
C7 NAG D . -13.97 -21.10 -4.35
C8 NAG D . -14.88 -21.83 -3.41
N2 NAG D . -13.27 -20.09 -3.84
O3 NAG D . -10.45 -20.55 -3.86
O4 NAG D . -8.85 -18.10 -4.01
O5 NAG D . -11.97 -17.16 -5.68
O6 NAG D . -9.61 -17.06 -7.31
O7 NAG D . -13.87 -21.44 -5.53
C1 NAG D . -7.66 -18.58 -4.66
C2 NAG D . -6.47 -18.04 -3.84
C3 NAG D . -5.15 -18.64 -4.34
C4 NAG D . -5.24 -20.15 -4.48
C5 NAG D . -6.45 -20.51 -5.33
C6 NAG D . -6.65 -21.98 -5.53
C7 NAG D . -5.66 -15.81 -3.18
C8 NAG D . -5.77 -14.34 -3.43
N2 NAG D . -6.44 -16.59 -3.93
O3 NAG D . -4.11 -18.29 -3.44
O4 NAG D . -4.04 -20.65 -5.06
O5 NAG D . -7.62 -20.00 -4.69
O6 NAG D . -6.87 -22.30 -6.90
O7 NAG D . -4.88 -16.27 -2.34
C1 BMA D . -3.49 -21.72 -4.27
C2 BMA D . -2.59 -22.56 -5.23
C3 BMA D . -1.86 -23.66 -4.45
C4 BMA D . -1.17 -23.08 -3.19
C5 BMA D . -2.23 -22.36 -2.34
C6 BMA D . -1.70 -21.83 -1.01
O2 BMA D . -1.61 -21.74 -5.83
O3 BMA D . -0.92 -24.34 -5.27
O4 BMA D . -0.57 -24.13 -2.45
O5 BMA D . -2.75 -21.27 -3.13
O6 BMA D . -0.73 -20.83 -1.28
C1 MAN D . -1.37 -25.72 -5.39
C2 MAN D . -0.22 -26.53 -6.07
C3 MAN D . -0.10 -26.14 -7.55
C4 MAN D . -1.46 -26.31 -8.25
C5 MAN D . -2.50 -25.43 -7.54
C6 MAN D . -3.89 -25.56 -8.13
O2 MAN D . -0.50 -27.92 -6.06
O3 MAN D . 0.91 -26.89 -8.20
O4 MAN D . -1.35 -25.93 -9.61
O5 MAN D . -2.58 -25.80 -6.15
O6 MAN D . -4.82 -24.94 -7.24
#